data_229D
# 
_entry.id   229D 
# 
_audit_conform.dict_name       mmcif_pdbx.dic 
_audit_conform.dict_version    5.392 
_audit_conform.dict_location   http://mmcif.pdb.org/dictionaries/ascii/mmcif_pdbx.dic 
# 
loop_
_database_2.database_id 
_database_2.database_code 
_database_2.pdbx_database_accession 
_database_2.pdbx_DOI 
PDB   229D         pdb_0000229d 10.2210/pdb229d/pdb 
WWPDB D_1000177608 ?            ?                   
# 
loop_
_pdbx_audit_revision_history.ordinal 
_pdbx_audit_revision_history.data_content_type 
_pdbx_audit_revision_history.major_revision 
_pdbx_audit_revision_history.minor_revision 
_pdbx_audit_revision_history.revision_date 
1 'Structure model' 1 0 1995-12-07 
2 'Structure model' 1 1 2008-03-24 
3 'Structure model' 1 2 2011-07-13 
4 'Structure model' 1 3 2022-03-09 
5 'Structure model' 1 4 2024-05-22 
# 
_pdbx_audit_revision_details.ordinal             1 
_pdbx_audit_revision_details.revision_ordinal    1 
_pdbx_audit_revision_details.data_content_type   'Structure model' 
_pdbx_audit_revision_details.provider            repository 
_pdbx_audit_revision_details.type                'Initial release' 
_pdbx_audit_revision_details.description         ? 
_pdbx_audit_revision_details.details             ? 
# 
loop_
_pdbx_audit_revision_group.ordinal 
_pdbx_audit_revision_group.revision_ordinal 
_pdbx_audit_revision_group.data_content_type 
_pdbx_audit_revision_group.group 
1 2 'Structure model' 'Version format compliance' 
2 3 'Structure model' 'Version format compliance' 
3 4 'Structure model' 'Data collection'           
4 4 'Structure model' 'Database references'       
5 4 'Structure model' 'Derived calculations'      
6 4 'Structure model' Other                       
7 5 'Structure model' 'Data collection'           
# 
loop_
_pdbx_audit_revision_category.ordinal 
_pdbx_audit_revision_category.revision_ordinal 
_pdbx_audit_revision_category.data_content_type 
_pdbx_audit_revision_category.category 
1 4 'Structure model' database_2            
2 4 'Structure model' pdbx_database_status  
3 4 'Structure model' pdbx_nmr_software     
4 4 'Structure model' pdbx_struct_assembly  
5 4 'Structure model' pdbx_struct_oper_list 
6 4 'Structure model' struct_conn           
7 5 'Structure model' chem_comp_atom        
8 5 'Structure model' chem_comp_bond        
# 
loop_
_pdbx_audit_revision_item.ordinal 
_pdbx_audit_revision_item.revision_ordinal 
_pdbx_audit_revision_item.data_content_type 
_pdbx_audit_revision_item.item 
1 4 'Structure model' '_database_2.pdbx_DOI'                
2 4 'Structure model' '_database_2.pdbx_database_accession' 
3 4 'Structure model' '_pdbx_database_status.process_site'  
4 4 'Structure model' '_pdbx_nmr_software.name'             
5 4 'Structure model' '_struct_conn.pdbx_leaving_atom_flag' 
# 
_pdbx_database_status.status_code                     REL 
_pdbx_database_status.entry_id                        229D 
_pdbx_database_status.recvd_initial_deposition_date   1995-08-16 
_pdbx_database_status.deposit_site                    ? 
_pdbx_database_status.process_site                    BNL 
_pdbx_database_status.SG_entry                        . 
_pdbx_database_status.pdb_format_compatible           Y 
_pdbx_database_status.status_code_mr                  REL 
_pdbx_database_status.status_code_sf                  ? 
_pdbx_database_status.status_code_cs                  ? 
_pdbx_database_status.status_code_nmr_data            ? 
_pdbx_database_status.methods_development_category    ? 
# 
loop_
_audit_author.name 
_audit_author.pdbx_ordinal 
'Basti, M.M.'  1 
'Stuart, J.W.' 2 
'Lam, A.T.'    3 
'Guenther, R.' 4 
'Agris, P.F.'  5 
# 
loop_
_citation.id 
_citation.title 
_citation.journal_abbrev 
_citation.journal_volume 
_citation.page_first 
_citation.page_last 
_citation.year 
_citation.journal_id_ASTM 
_citation.country 
_citation.journal_id_ISSN 
_citation.journal_id_CSD 
_citation.book_publisher 
_citation.pdbx_database_id_PubMed 
_citation.pdbx_database_id_DOI 
primary 'Design, biological activity and NMR-solution structure of a DNA analogue of yeast tRNA(Phe) anticodon domain.' 
Nat.Struct.Biol. 3   38  44 1996 NSBIEW US 1072-8368 2024 ? 8548453 10.1038/nsb0196-38 
1       
;Direct Observation of Two Base-Pairing Modes of a Cytosine-Thymine Analogue with Guanine in a DNA Z-Form Duplex: Significance for Base Analogue Mutagenesis
;
J.Mol.Biol.      251 665 ?  1995 JMOBAK UK 0022-2836 0070 ? ?       ?                  
# 
loop_
_citation_author.citation_id 
_citation_author.name 
_citation_author.ordinal 
_citation_author.identifier_ORCID 
primary 'Basti, M.M.'      1  ? 
primary 'Stuart, J.W.'     2  ? 
primary 'Lam, A.T.'        3  ? 
primary 'Guenther, R.'     4  ? 
primary 'Agris, P.F.'      5  ? 
1       'Moore, M.H.'      6  ? 
1       'Van Meervelt, L.' 7  ? 
1       'Salisbury, S.A.'  8  ? 
1       'Lin, P.K.T.'      9  ? 
1       'Brown, D.M.'      10 ? 
# 
_entity.id                         1 
_entity.type                       polymer 
_entity.src_method                 syn 
_entity.pdbx_description           
;DNA (5'-D(*CP*CP*AP*GP*AP*CP*(UMP)P*GP*AP*AP*(MG1)P*AP*(UMP)P*(5CM)P*(UMP)P*GP*G)-3')
;
_entity.formula_weight             5222.388 
_entity.pdbx_number_of_molecules   1 
_entity.pdbx_ec                    ? 
_entity.pdbx_mutation              ? 
_entity.pdbx_fragment              ? 
_entity.details                    ? 
# 
_entity_keywords.entity_id   1 
_entity_keywords.text        'DEOXYRIBONUCLEIC ACID' 
# 
_entity_poly.entity_id                      1 
_entity_poly.type                           polydeoxyribonucleotide 
_entity_poly.nstd_linkage                   no 
_entity_poly.nstd_monomer                   yes 
_entity_poly.pdbx_seq_one_letter_code       '(DC)(DC)(DA)(DG)(DA)(DC)(UMP)(DG)(DA)(DA)(MG1)(DA)(UMP)(5CM)(UMP)(DG)(DG)' 
_entity_poly.pdbx_seq_one_letter_code_can   CCAGACUGAAGAUCUGG 
_entity_poly.pdbx_strand_id                 A 
_entity_poly.pdbx_target_identifier         ? 
# 
loop_
_entity_poly_seq.entity_id 
_entity_poly_seq.num 
_entity_poly_seq.mon_id 
_entity_poly_seq.hetero 
1 1  DC  n 
1 2  DC  n 
1 3  DA  n 
1 4  DG  n 
1 5  DA  n 
1 6  DC  n 
1 7  UMP n 
1 8  DG  n 
1 9  DA  n 
1 10 DA  n 
1 11 MG1 n 
1 12 DA  n 
1 13 UMP n 
1 14 5CM n 
1 15 UMP n 
1 16 DG  n 
1 17 DG  n 
# 
_pdbx_entity_src_syn.entity_id              1 
_pdbx_entity_src_syn.pdbx_src_id            1 
_pdbx_entity_src_syn.pdbx_alt_source_flag   sample 
_pdbx_entity_src_syn.pdbx_beg_seq_num       ? 
_pdbx_entity_src_syn.pdbx_end_seq_num       ? 
_pdbx_entity_src_syn.organism_scientific    ? 
_pdbx_entity_src_syn.organism_common_name   ? 
_pdbx_entity_src_syn.ncbi_taxonomy_id       ? 
_pdbx_entity_src_syn.details                'CHEMICALLY SYNTHESIZED' 
# 
loop_
_chem_comp.id 
_chem_comp.type 
_chem_comp.mon_nstd_flag 
_chem_comp.name 
_chem_comp.pdbx_synonyms 
_chem_comp.formula 
_chem_comp.formula_weight 
5CM 'DNA linking' n "5-METHYL-2'-DEOXY-CYTIDINE-5'-MONOPHOSPHATE"          ?    'C10 H16 N3 O7 P' 321.224 
DA  'DNA linking' y "2'-DEOXYADENOSINE-5'-MONOPHOSPHATE"                   ?    'C10 H14 N5 O6 P' 331.222 
DC  'DNA linking' y "2'-DEOXYCYTIDINE-5'-MONOPHOSPHATE"                    ?    'C9 H14 N3 O7 P'  307.197 
DG  'DNA linking' y "2'-DEOXYGUANOSINE-5'-MONOPHOSPHATE"                   ?    'C10 H14 N5 O7 P' 347.221 
MG1 'DNA linking' n 
;2'-DEOXY-1-METHYLGUANOSINE 5'-(DIHYDROGEN PHOSPHATE)
;
?    'C11 H16 N5 O7 P' 361.248 
UMP non-polymer   . 
;2'-DEOXYURIDINE 5'-MONOPHOSPHATE
;
DUMP 'C9 H13 N2 O8 P'  308.182 
# 
loop_
_pdbx_poly_seq_scheme.asym_id 
_pdbx_poly_seq_scheme.entity_id 
_pdbx_poly_seq_scheme.seq_id 
_pdbx_poly_seq_scheme.mon_id 
_pdbx_poly_seq_scheme.ndb_seq_num 
_pdbx_poly_seq_scheme.pdb_seq_num 
_pdbx_poly_seq_scheme.auth_seq_num 
_pdbx_poly_seq_scheme.pdb_mon_id 
_pdbx_poly_seq_scheme.auth_mon_id 
_pdbx_poly_seq_scheme.pdb_strand_id 
_pdbx_poly_seq_scheme.pdb_ins_code 
_pdbx_poly_seq_scheme.hetero 
A 1 1  DC  1  1  1  DC  C   A . n 
A 1 2  DC  2  2  2  DC  C   A . n 
A 1 3  DA  3  3  3  DA  A   A . n 
A 1 4  DG  4  4  4  DG  G   A . n 
A 1 5  DA  5  5  5  DA  A   A . n 
A 1 6  DC  6  6  6  DC  C   A . n 
A 1 7  UMP 7  7  7  UMP UMP A . n 
A 1 8  DG  8  8  8  DG  G   A . n 
A 1 9  DA  9  9  9  DA  A   A . n 
A 1 10 DA  10 10 10 DA  A   A . n 
A 1 11 MG1 11 11 11 MG1 +G  A . n 
A 1 12 DA  12 12 12 DA  A   A . n 
A 1 13 UMP 13 13 13 UMP UMP A . n 
A 1 14 5CM 14 14 14 5CM +C  A . n 
A 1 15 UMP 15 15 15 UMP UMP A . n 
A 1 16 DG  16 16 16 DG  G   A . n 
A 1 17 DG  17 17 17 DG  G   A . n 
# 
_cell.entry_id           229D 
_cell.length_a           1.000 
_cell.length_b           1.000 
_cell.length_c           1.000 
_cell.angle_alpha        90.00 
_cell.angle_beta         90.00 
_cell.angle_gamma        90.00 
_cell.Z_PDB              1 
_cell.pdbx_unique_axis   ? 
# 
_symmetry.entry_id                         229D 
_symmetry.space_group_name_H-M             'P 1' 
_symmetry.pdbx_full_space_group_name_H-M   ? 
_symmetry.cell_setting                     ? 
_symmetry.Int_Tables_number                1 
# 
_exptl.entry_id          229D 
_exptl.method            'SOLUTION NMR' 
_exptl.crystals_number   ? 
# 
_struct.entry_id                  229D 
_struct.title                     
'DNA ANALOG OF YEAST TRANSFER RNA PHE ANTICODON DOMAIN WITH MODIFIED BASES 5-METHYL CYTOSINE AND 1-METHYL GUANINE' 
_struct.pdbx_model_details        ? 
_struct.pdbx_CASP_flag            ? 
_struct.pdbx_model_type_details   ? 
# 
_struct_keywords.entry_id        229D 
_struct_keywords.pdbx_keywords   DNA 
_struct_keywords.text            'DNA, TRANSFER RNA, ANTICODON, HAIRPIN LOOP' 
# 
_struct_asym.id                            A 
_struct_asym.pdbx_blank_PDB_chainid_flag   N 
_struct_asym.pdbx_modified                 N 
_struct_asym.entity_id                     1 
_struct_asym.details                       ? 
# 
_struct_ref.id                         1 
_struct_ref.entity_id                  1 
_struct_ref.db_name                    PDB 
_struct_ref.db_code                    229D 
_struct_ref.pdbx_db_accession          229D 
_struct_ref.pdbx_db_isoform            ? 
_struct_ref.pdbx_seq_one_letter_code   ? 
_struct_ref.pdbx_align_begin           ? 
# 
_struct_ref_seq.align_id                      1 
_struct_ref_seq.ref_id                        1 
_struct_ref_seq.pdbx_PDB_id_code              229D 
_struct_ref_seq.pdbx_strand_id                A 
_struct_ref_seq.seq_align_beg                 1 
_struct_ref_seq.pdbx_seq_align_beg_ins_code   ? 
_struct_ref_seq.seq_align_end                 17 
_struct_ref_seq.pdbx_seq_align_end_ins_code   ? 
_struct_ref_seq.pdbx_db_accession             229D 
_struct_ref_seq.db_align_beg                  1 
_struct_ref_seq.pdbx_db_align_beg_ins_code    ? 
_struct_ref_seq.db_align_end                  17 
_struct_ref_seq.pdbx_db_align_end_ins_code    ? 
_struct_ref_seq.pdbx_auth_seq_align_beg       1 
_struct_ref_seq.pdbx_auth_seq_align_end       17 
# 
_pdbx_struct_assembly.id                   1 
_pdbx_struct_assembly.details              author_defined_assembly 
_pdbx_struct_assembly.method_details       ? 
_pdbx_struct_assembly.oligomeric_details   monomeric 
_pdbx_struct_assembly.oligomeric_count     1 
# 
_pdbx_struct_assembly_gen.assembly_id       1 
_pdbx_struct_assembly_gen.oper_expression   1 
_pdbx_struct_assembly_gen.asym_id_list      A 
# 
_pdbx_struct_oper_list.id                   1 
_pdbx_struct_oper_list.type                 'identity operation' 
_pdbx_struct_oper_list.name                 1_555 
_pdbx_struct_oper_list.symmetry_operation   x,y,z 
_pdbx_struct_oper_list.matrix[1][1]         1.0000000000 
_pdbx_struct_oper_list.matrix[1][2]         0.0000000000 
_pdbx_struct_oper_list.matrix[1][3]         0.0000000000 
_pdbx_struct_oper_list.vector[1]            0.0000000000 
_pdbx_struct_oper_list.matrix[2][1]         0.0000000000 
_pdbx_struct_oper_list.matrix[2][2]         1.0000000000 
_pdbx_struct_oper_list.matrix[2][3]         0.0000000000 
_pdbx_struct_oper_list.vector[2]            0.0000000000 
_pdbx_struct_oper_list.matrix[3][1]         0.0000000000 
_pdbx_struct_oper_list.matrix[3][2]         0.0000000000 
_pdbx_struct_oper_list.matrix[3][3]         1.0000000000 
_pdbx_struct_oper_list.vector[3]            0.0000000000 
# 
_struct_biol.id   1 
# 
loop_
_struct_conn.id 
_struct_conn.conn_type_id 
_struct_conn.pdbx_leaving_atom_flag 
_struct_conn.pdbx_PDB_id 
_struct_conn.ptnr1_label_asym_id 
_struct_conn.ptnr1_label_comp_id 
_struct_conn.ptnr1_label_seq_id 
_struct_conn.ptnr1_label_atom_id 
_struct_conn.pdbx_ptnr1_label_alt_id 
_struct_conn.pdbx_ptnr1_PDB_ins_code 
_struct_conn.pdbx_ptnr1_standard_comp_id 
_struct_conn.ptnr1_symmetry 
_struct_conn.ptnr2_label_asym_id 
_struct_conn.ptnr2_label_comp_id 
_struct_conn.ptnr2_label_seq_id 
_struct_conn.ptnr2_label_atom_id 
_struct_conn.pdbx_ptnr2_label_alt_id 
_struct_conn.pdbx_ptnr2_PDB_ins_code 
_struct_conn.ptnr1_auth_asym_id 
_struct_conn.ptnr1_auth_comp_id 
_struct_conn.ptnr1_auth_seq_id 
_struct_conn.ptnr2_auth_asym_id 
_struct_conn.ptnr2_auth_comp_id 
_struct_conn.ptnr2_auth_seq_id 
_struct_conn.ptnr2_symmetry 
_struct_conn.pdbx_ptnr3_label_atom_id 
_struct_conn.pdbx_ptnr3_label_seq_id 
_struct_conn.pdbx_ptnr3_label_comp_id 
_struct_conn.pdbx_ptnr3_label_asym_id 
_struct_conn.pdbx_ptnr3_label_alt_id 
_struct_conn.pdbx_ptnr3_PDB_ins_code 
_struct_conn.details 
_struct_conn.pdbx_dist_value 
_struct_conn.pdbx_value_order 
_struct_conn.pdbx_role 
covale1  covale both ? A DC  6  "O3'" ? ? ? 1_555 A UMP 7  P  ? ? A DC  6  A UMP 7  1_555 ? ? ? ? ? ? ?            1.603 ? ? 
covale2  covale both ? A UMP 7  "O3'" ? ? ? 1_555 A DG  8  P  ? ? A UMP 7  A DG  8  1_555 ? ? ? ? ? ? ?            1.616 ? ? 
covale3  covale both ? A DA  10 "O3'" ? ? ? 1_555 A MG1 11 P  ? ? A DA  10 A MG1 11 1_555 ? ? ? ? ? ? ?            1.620 ? ? 
covale4  covale both ? A MG1 11 "O3'" ? ? ? 1_555 A DA  12 P  ? ? A MG1 11 A DA  12 1_555 ? ? ? ? ? ? ?            1.622 ? ? 
covale5  covale both ? A DA  12 "O3'" ? ? ? 1_555 A UMP 13 P  ? ? A DA  12 A UMP 13 1_555 ? ? ? ? ? ? ?            1.623 ? ? 
covale6  covale both ? A UMP 13 "O3'" ? ? ? 1_555 A 5CM 14 P  ? ? A UMP 13 A 5CM 14 1_555 ? ? ? ? ? ? ?            1.622 ? ? 
covale7  covale both ? A 5CM 14 "O3'" ? ? ? 1_555 A UMP 15 P  ? ? A 5CM 14 A UMP 15 1_555 ? ? ? ? ? ? ?            1.624 ? ? 
covale8  covale both ? A UMP 15 "O3'" ? ? ? 1_555 A DG  16 P  ? ? A UMP 15 A DG  16 1_555 ? ? ? ? ? ? ?            1.623 ? ? 
hydrog1  hydrog ?    ? A DC  1  N3    ? ? ? 1_555 A DG  17 N1 ? ? A DC  1  A DG  17 1_555 ? ? ? ? ? ? WATSON-CRICK ?     ? ? 
hydrog2  hydrog ?    ? A DC  1  N4    ? ? ? 1_555 A DG  17 O6 ? ? A DC  1  A DG  17 1_555 ? ? ? ? ? ? WATSON-CRICK ?     ? ? 
hydrog3  hydrog ?    ? A DC  1  O2    ? ? ? 1_555 A DG  17 N2 ? ? A DC  1  A DG  17 1_555 ? ? ? ? ? ? WATSON-CRICK ?     ? ? 
hydrog4  hydrog ?    ? A DC  2  N3    ? ? ? 1_555 A DG  16 N1 ? ? A DC  2  A DG  16 1_555 ? ? ? ? ? ? WATSON-CRICK ?     ? ? 
hydrog5  hydrog ?    ? A DC  2  N4    ? ? ? 1_555 A DG  16 O6 ? ? A DC  2  A DG  16 1_555 ? ? ? ? ? ? WATSON-CRICK ?     ? ? 
hydrog6  hydrog ?    ? A DC  2  O2    ? ? ? 1_555 A DG  16 N2 ? ? A DC  2  A DG  16 1_555 ? ? ? ? ? ? WATSON-CRICK ?     ? ? 
hydrog7  hydrog ?    ? A DA  3  N1    ? ? ? 1_555 A UMP 15 N3 ? ? A DA  3  A UMP 15 1_555 ? ? ? ? ? ? WATSON-CRICK ?     ? ? 
hydrog8  hydrog ?    ? A DA  3  N6    ? ? ? 1_555 A UMP 15 O4 ? ? A DA  3  A UMP 15 1_555 ? ? ? ? ? ? WATSON-CRICK ?     ? ? 
hydrog9  hydrog ?    ? A DG  4  N1    ? ? ? 1_555 A 5CM 14 N3 ? ? A DG  4  A 5CM 14 1_555 ? ? ? ? ? ? WATSON-CRICK ?     ? ? 
hydrog10 hydrog ?    ? A DG  4  N2    ? ? ? 1_555 A 5CM 14 O2 ? ? A DG  4  A 5CM 14 1_555 ? ? ? ? ? ? WATSON-CRICK ?     ? ? 
hydrog11 hydrog ?    ? A DG  4  O6    ? ? ? 1_555 A 5CM 14 N4 ? ? A DG  4  A 5CM 14 1_555 ? ? ? ? ? ? WATSON-CRICK ?     ? ? 
hydrog12 hydrog ?    ? A DA  5  N1    ? ? ? 1_555 A UMP 13 N3 ? ? A DA  5  A UMP 13 1_555 ? ? ? ? ? ? WATSON-CRICK ?     ? ? 
hydrog13 hydrog ?    ? A DA  5  N6    ? ? ? 1_555 A UMP 13 O4 ? ? A DA  5  A UMP 13 1_555 ? ? ? ? ? ? WATSON-CRICK ?     ? ? 
# 
loop_
_struct_conn_type.id 
_struct_conn_type.criteria 
_struct_conn_type.reference 
covale ? ? 
hydrog ? ? 
# 
loop_
_pdbx_validate_rmsd_angle.id 
_pdbx_validate_rmsd_angle.PDB_model_num 
_pdbx_validate_rmsd_angle.auth_atom_id_1 
_pdbx_validate_rmsd_angle.auth_asym_id_1 
_pdbx_validate_rmsd_angle.auth_comp_id_1 
_pdbx_validate_rmsd_angle.auth_seq_id_1 
_pdbx_validate_rmsd_angle.PDB_ins_code_1 
_pdbx_validate_rmsd_angle.label_alt_id_1 
_pdbx_validate_rmsd_angle.auth_atom_id_2 
_pdbx_validate_rmsd_angle.auth_asym_id_2 
_pdbx_validate_rmsd_angle.auth_comp_id_2 
_pdbx_validate_rmsd_angle.auth_seq_id_2 
_pdbx_validate_rmsd_angle.PDB_ins_code_2 
_pdbx_validate_rmsd_angle.label_alt_id_2 
_pdbx_validate_rmsd_angle.auth_atom_id_3 
_pdbx_validate_rmsd_angle.auth_asym_id_3 
_pdbx_validate_rmsd_angle.auth_comp_id_3 
_pdbx_validate_rmsd_angle.auth_seq_id_3 
_pdbx_validate_rmsd_angle.PDB_ins_code_3 
_pdbx_validate_rmsd_angle.label_alt_id_3 
_pdbx_validate_rmsd_angle.angle_value 
_pdbx_validate_rmsd_angle.angle_target_value 
_pdbx_validate_rmsd_angle.angle_deviation 
_pdbx_validate_rmsd_angle.angle_standard_deviation 
_pdbx_validate_rmsd_angle.linker_flag 
1  1 "C1'" A DC 2  ? ? "O4'" A DC 2  ? ? "C4'" A DC 2  ? ? 103.45 110.10 -6.65 1.00 N 
2  1 "O4'" A DC 2  ? ? "C1'" A DC 2  ? ? N1    A DC 2  ? ? 128.19 108.30 19.89 0.30 N 
3  1 "O4'" A DG 4  ? ? "C1'" A DG 4  ? ? N9    A DG 4  ? ? 114.99 108.30 6.69  0.30 N 
4  1 "O4'" A DA 5  ? ? "C1'" A DA 5  ? ? N9    A DA 5  ? ? 114.45 108.30 6.15  0.30 N 
5  1 "O4'" A DC 6  ? ? "C1'" A DC 6  ? ? N1    A DC 6  ? ? 115.52 108.30 7.22  0.30 N 
6  1 "O4'" A DG 8  ? ? "C1'" A DG 8  ? ? "C2'" A DG 8  ? ? 109.93 106.80 3.13  0.50 N 
7  1 "O4'" A DA 9  ? ? "C1'" A DA 9  ? ? "C2'" A DA 9  ? ? 111.30 106.80 4.50  0.50 N 
8  1 N9    A DA 9  ? ? "C1'" A DA 9  ? ? "C2'" A DA 9  ? ? 139.49 114.30 25.19 1.40 N 
9  1 N9    A DA 9  ? ? C4    A DA 9  ? ? C5    A DA 9  ? ? 108.42 105.80 2.62  0.40 N 
10 1 "O4'" A DA 10 ? ? "C1'" A DA 10 ? ? N9    A DA 10 ? ? 112.51 108.30 4.21  0.30 N 
11 1 "O4'" A DA 12 ? ? "C1'" A DA 12 ? ? N9    A DA 12 ? ? 112.74 108.30 4.44  0.30 N 
12 1 "O4'" A DG 16 ? ? "C1'" A DG 16 ? ? N9    A DG 16 ? ? 115.57 108.30 7.27  0.30 N 
# 
loop_
_pdbx_validate_chiral.id 
_pdbx_validate_chiral.PDB_model_num 
_pdbx_validate_chiral.auth_atom_id 
_pdbx_validate_chiral.label_alt_id 
_pdbx_validate_chiral.auth_asym_id 
_pdbx_validate_chiral.auth_comp_id 
_pdbx_validate_chiral.auth_seq_id 
_pdbx_validate_chiral.PDB_ins_code 
_pdbx_validate_chiral.details 
_pdbx_validate_chiral.omega 
1 1 "C1'" ? A DC 2  ? 'WRONG HAND' . 
2 1 "C1'" ? A DA 9  ? PLANAR       . 
3 1 "C4'" ? A DG 17 ? 'WRONG HAND' . 
# 
loop_
_pdbx_validate_planes.id 
_pdbx_validate_planes.PDB_model_num 
_pdbx_validate_planes.auth_comp_id 
_pdbx_validate_planes.auth_asym_id 
_pdbx_validate_planes.auth_seq_id 
_pdbx_validate_planes.PDB_ins_code 
_pdbx_validate_planes.label_alt_id 
_pdbx_validate_planes.rmsd 
_pdbx_validate_planes.type 
1 1 DC A 2  ? ? 0.116 'SIDE CHAIN' 
2 1 DA A 3  ? ? 0.098 'SIDE CHAIN' 
3 1 DG A 4  ? ? 0.054 'SIDE CHAIN' 
4 1 DA A 5  ? ? 0.103 'SIDE CHAIN' 
5 1 DC A 6  ? ? 0.220 'SIDE CHAIN' 
6 1 DG A 8  ? ? 0.084 'SIDE CHAIN' 
7 1 DA A 10 ? ? 0.148 'SIDE CHAIN' 
8 1 DA A 12 ? ? 0.084 'SIDE CHAIN' 
9 1 DG A 16 ? ? 0.065 'SIDE CHAIN' 
# 
loop_
_pdbx_struct_mod_residue.id 
_pdbx_struct_mod_residue.label_asym_id 
_pdbx_struct_mod_residue.label_comp_id 
_pdbx_struct_mod_residue.label_seq_id 
_pdbx_struct_mod_residue.auth_asym_id 
_pdbx_struct_mod_residue.auth_comp_id 
_pdbx_struct_mod_residue.auth_seq_id 
_pdbx_struct_mod_residue.PDB_ins_code 
_pdbx_struct_mod_residue.parent_comp_id 
_pdbx_struct_mod_residue.details 
1 A UMP 7  A UMP 7  ? U  
;2'-DEOXYURIDINE 5'-MONOPHOSPHATE
;
2 A MG1 11 A MG1 11 ? DG ?                                  
3 A UMP 13 A UMP 13 ? U  
;2'-DEOXYURIDINE 5'-MONOPHOSPHATE
;
4 A 5CM 14 A 5CM 14 ? DC ?                                  
5 A UMP 15 A UMP 15 ? U  
;2'-DEOXYURIDINE 5'-MONOPHOSPHATE
;
# 
_pdbx_nmr_ensemble.entry_id                                      229D 
_pdbx_nmr_ensemble.conformers_calculated_total_number            ? 
_pdbx_nmr_ensemble.conformers_submitted_total_number             1 
_pdbx_nmr_ensemble.conformer_selection_criteria                  ? 
_pdbx_nmr_ensemble.average_constraints_per_residue               ? 
_pdbx_nmr_ensemble.average_constraint_violations_per_residue     ? 
_pdbx_nmr_ensemble.maximum_distance_constraint_violation         ? 
_pdbx_nmr_ensemble.average_distance_constraint_violation         ? 
_pdbx_nmr_ensemble.maximum_upper_distance_constraint_violation   ? 
_pdbx_nmr_ensemble.maximum_lower_distance_constraint_violation   ? 
_pdbx_nmr_ensemble.distance_constraint_violation_method          ? 
_pdbx_nmr_ensemble.maximum_torsion_angle_constraint_violation    ? 
_pdbx_nmr_ensemble.average_torsion_angle_constraint_violation    ? 
_pdbx_nmr_ensemble.torsion_angle_constraint_violation_method     ? 
# 
_pdbx_nmr_refine.entry_id           229D 
_pdbx_nmr_refine.method             ? 
_pdbx_nmr_refine.details            
;NUMBER OF ATOMS USED IN REFINEMENT. NUMBER OF PROTEIN ATOMS 0 NUMBER OF NUCLEIC ACID ATOMS 537 NUMBER OF HETEROGEN ATOMS 0 NUMBER OF SOLVENT ATOMS 0 THE SOLUTION STRUCTURE OF THE 17-MER DNA HAIRPIN LOOP WAS DETERMINED BASED ON 246 DISTANCE AND DIHEDRAL RESTRAINTS ESTIMATED FROM 2D NOE SPECTRUM. TEN LOW ENERGY STRUCTURES WERE USED TO GENERATE THIS AVERAGE STRUCTURE WHICH WAS FURTHER ENERGY MINIMIZED.
;
_pdbx_nmr_refine.software_ordinal   1 
# 
_pdbx_nmr_software.name             Discover 
_pdbx_nmr_software.version          ? 
_pdbx_nmr_software.classification   refinement 
_pdbx_nmr_software.authors          'BIOSYM TECHNOLOGIES' 
_pdbx_nmr_software.ordinal          1 
# 
loop_
_chem_comp_atom.comp_id 
_chem_comp_atom.atom_id 
_chem_comp_atom.type_symbol 
_chem_comp_atom.pdbx_aromatic_flag 
_chem_comp_atom.pdbx_stereo_config 
_chem_comp_atom.pdbx_ordinal 
5CM N1     N N N 1   
5CM C2     C N N 2   
5CM N3     N N N 3   
5CM C4     C N N 4   
5CM C5     C N N 5   
5CM C5A    C N N 6   
5CM C6     C N N 7   
5CM O2     O N N 8   
5CM N4     N N N 9   
5CM "C1'"  C N R 10  
5CM "C2'"  C N N 11  
5CM "C3'"  C N S 12  
5CM "C4'"  C N R 13  
5CM "O4'"  O N N 14  
5CM "O3'"  O N N 15  
5CM "C5'"  C N N 16  
5CM "O5'"  O N N 17  
5CM P      P N N 18  
5CM OP1    O N N 19  
5CM OP2    O N N 20  
5CM OP3    O N N 21  
5CM H5A1   H N N 22  
5CM H5A2   H N N 23  
5CM H5A3   H N N 24  
5CM H6     H N N 25  
5CM HN41   H N N 26  
5CM HN42   H N N 27  
5CM "H1'"  H N N 28  
5CM "H2'"  H N N 29  
5CM "H2''" H N N 30  
5CM "H3'"  H N N 31  
5CM "H4'"  H N N 32  
5CM "HO3'" H N N 33  
5CM "H5'"  H N N 34  
5CM "H5''" H N N 35  
5CM HOP2   H N N 36  
5CM HOP3   H N N 37  
DA  OP3    O N N 38  
DA  P      P N N 39  
DA  OP1    O N N 40  
DA  OP2    O N N 41  
DA  "O5'"  O N N 42  
DA  "C5'"  C N N 43  
DA  "C4'"  C N R 44  
DA  "O4'"  O N N 45  
DA  "C3'"  C N S 46  
DA  "O3'"  O N N 47  
DA  "C2'"  C N N 48  
DA  "C1'"  C N R 49  
DA  N9     N Y N 50  
DA  C8     C Y N 51  
DA  N7     N Y N 52  
DA  C5     C Y N 53  
DA  C6     C Y N 54  
DA  N6     N N N 55  
DA  N1     N Y N 56  
DA  C2     C Y N 57  
DA  N3     N Y N 58  
DA  C4     C Y N 59  
DA  HOP3   H N N 60  
DA  HOP2   H N N 61  
DA  "H5'"  H N N 62  
DA  "H5''" H N N 63  
DA  "H4'"  H N N 64  
DA  "H3'"  H N N 65  
DA  "HO3'" H N N 66  
DA  "H2'"  H N N 67  
DA  "H2''" H N N 68  
DA  "H1'"  H N N 69  
DA  H8     H N N 70  
DA  H61    H N N 71  
DA  H62    H N N 72  
DA  H2     H N N 73  
DC  OP3    O N N 74  
DC  P      P N N 75  
DC  OP1    O N N 76  
DC  OP2    O N N 77  
DC  "O5'"  O N N 78  
DC  "C5'"  C N N 79  
DC  "C4'"  C N R 80  
DC  "O4'"  O N N 81  
DC  "C3'"  C N S 82  
DC  "O3'"  O N N 83  
DC  "C2'"  C N N 84  
DC  "C1'"  C N R 85  
DC  N1     N N N 86  
DC  C2     C N N 87  
DC  O2     O N N 88  
DC  N3     N N N 89  
DC  C4     C N N 90  
DC  N4     N N N 91  
DC  C5     C N N 92  
DC  C6     C N N 93  
DC  HOP3   H N N 94  
DC  HOP2   H N N 95  
DC  "H5'"  H N N 96  
DC  "H5''" H N N 97  
DC  "H4'"  H N N 98  
DC  "H3'"  H N N 99  
DC  "HO3'" H N N 100 
DC  "H2'"  H N N 101 
DC  "H2''" H N N 102 
DC  "H1'"  H N N 103 
DC  H41    H N N 104 
DC  H42    H N N 105 
DC  H5     H N N 106 
DC  H6     H N N 107 
DG  OP3    O N N 108 
DG  P      P N N 109 
DG  OP1    O N N 110 
DG  OP2    O N N 111 
DG  "O5'"  O N N 112 
DG  "C5'"  C N N 113 
DG  "C4'"  C N R 114 
DG  "O4'"  O N N 115 
DG  "C3'"  C N S 116 
DG  "O3'"  O N N 117 
DG  "C2'"  C N N 118 
DG  "C1'"  C N R 119 
DG  N9     N Y N 120 
DG  C8     C Y N 121 
DG  N7     N Y N 122 
DG  C5     C Y N 123 
DG  C6     C N N 124 
DG  O6     O N N 125 
DG  N1     N N N 126 
DG  C2     C N N 127 
DG  N2     N N N 128 
DG  N3     N N N 129 
DG  C4     C Y N 130 
DG  HOP3   H N N 131 
DG  HOP2   H N N 132 
DG  "H5'"  H N N 133 
DG  "H5''" H N N 134 
DG  "H4'"  H N N 135 
DG  "H3'"  H N N 136 
DG  "HO3'" H N N 137 
DG  "H2'"  H N N 138 
DG  "H2''" H N N 139 
DG  "H1'"  H N N 140 
DG  H8     H N N 141 
DG  H1     H N N 142 
DG  H21    H N N 143 
DG  H22    H N N 144 
MG1 OP3    O N N 145 
MG1 P      P N N 146 
MG1 OP1    O N N 147 
MG1 OP2    O N N 148 
MG1 "O5'"  O N N 149 
MG1 "C5'"  C N N 150 
MG1 "C4'"  C N R 151 
MG1 "O4'"  O N N 152 
MG1 "C3'"  C N S 153 
MG1 "O3'"  O N N 154 
MG1 "C2'"  C N N 155 
MG1 "C1'"  C N R 156 
MG1 N9     N Y N 157 
MG1 C8     C Y N 158 
MG1 N7     N Y N 159 
MG1 C5     C Y N 160 
MG1 C6     C N N 161 
MG1 O6     O N N 162 
MG1 N1     N N N 163 
MG1 CM1    C N N 164 
MG1 C2     C N N 165 
MG1 N2     N N N 166 
MG1 N3     N N N 167 
MG1 C4     C Y N 168 
MG1 HOP3   H N N 169 
MG1 HOP2   H N N 170 
MG1 "H5'"  H N N 171 
MG1 "H5''" H N N 172 
MG1 "H4'"  H N N 173 
MG1 "H3'"  H N N 174 
MG1 "HO3'" H N N 175 
MG1 "H2'"  H N N 176 
MG1 "H2''" H N N 177 
MG1 "H1'"  H N N 178 
MG1 H8     H N N 179 
MG1 HM11   H N N 180 
MG1 HM12   H N N 181 
MG1 HM13   H N N 182 
MG1 H21    H N N 183 
MG1 H22    H N N 184 
UMP N1     N N N 185 
UMP C2     C N N 186 
UMP N3     N N N 187 
UMP C4     C N N 188 
UMP C5     C N N 189 
UMP C6     C N N 190 
UMP O2     O N N 191 
UMP O4     O N N 192 
UMP "C1'"  C N R 193 
UMP "C2'"  C N N 194 
UMP "C3'"  C N S 195 
UMP "C4'"  C N R 196 
UMP "O3'"  O N N 197 
UMP "O4'"  O N N 198 
UMP "C5'"  C N N 199 
UMP "O5'"  O N N 200 
UMP P      P N N 201 
UMP OP1    O N N 202 
UMP OP2    O N N 203 
UMP OP3    O N N 204 
UMP HN3    H N N 205 
UMP H5     H N N 206 
UMP H6     H N N 207 
UMP "H1'"  H N N 208 
UMP "H2'"  H N N 209 
UMP "H2''" H N N 210 
UMP "H3'"  H N N 211 
UMP "H4'"  H N N 212 
UMP "HO3'" H N N 213 
UMP "H5'"  H N N 214 
UMP "H5''" H N N 215 
UMP HOP2   H N N 216 
UMP HOP3   H N N 217 
# 
loop_
_chem_comp_bond.comp_id 
_chem_comp_bond.atom_id_1 
_chem_comp_bond.atom_id_2 
_chem_comp_bond.value_order 
_chem_comp_bond.pdbx_aromatic_flag 
_chem_comp_bond.pdbx_stereo_config 
_chem_comp_bond.pdbx_ordinal 
5CM N1    C2     sing N N 1   
5CM N1    C6     sing N N 2   
5CM N1    "C1'"  sing N N 3   
5CM C2    N3     sing N N 4   
5CM C2    O2     doub N N 5   
5CM N3    C4     doub N N 6   
5CM C4    C5     sing N N 7   
5CM C4    N4     sing N N 8   
5CM C5    C5A    sing N N 9   
5CM C5    C6     doub N N 10  
5CM C5A   H5A1   sing N N 11  
5CM C5A   H5A2   sing N N 12  
5CM C5A   H5A3   sing N N 13  
5CM C6    H6     sing N N 14  
5CM N4    HN41   sing N N 15  
5CM N4    HN42   sing N N 16  
5CM "C1'" "C2'"  sing N N 17  
5CM "C1'" "O4'"  sing N N 18  
5CM "C1'" "H1'"  sing N N 19  
5CM "C2'" "C3'"  sing N N 20  
5CM "C2'" "H2'"  sing N N 21  
5CM "C2'" "H2''" sing N N 22  
5CM "C3'" "C4'"  sing N N 23  
5CM "C3'" "O3'"  sing N N 24  
5CM "C3'" "H3'"  sing N N 25  
5CM "C4'" "O4'"  sing N N 26  
5CM "C4'" "C5'"  sing N N 27  
5CM "C4'" "H4'"  sing N N 28  
5CM "O3'" "HO3'" sing N N 29  
5CM "C5'" "O5'"  sing N N 30  
5CM "C5'" "H5'"  sing N N 31  
5CM "C5'" "H5''" sing N N 32  
5CM "O5'" P      sing N N 33  
5CM P     OP1    doub N N 34  
5CM P     OP2    sing N N 35  
5CM P     OP3    sing N N 36  
5CM OP2   HOP2   sing N N 37  
5CM OP3   HOP3   sing N N 38  
DA  OP3   P      sing N N 39  
DA  OP3   HOP3   sing N N 40  
DA  P     OP1    doub N N 41  
DA  P     OP2    sing N N 42  
DA  P     "O5'"  sing N N 43  
DA  OP2   HOP2   sing N N 44  
DA  "O5'" "C5'"  sing N N 45  
DA  "C5'" "C4'"  sing N N 46  
DA  "C5'" "H5'"  sing N N 47  
DA  "C5'" "H5''" sing N N 48  
DA  "C4'" "O4'"  sing N N 49  
DA  "C4'" "C3'"  sing N N 50  
DA  "C4'" "H4'"  sing N N 51  
DA  "O4'" "C1'"  sing N N 52  
DA  "C3'" "O3'"  sing N N 53  
DA  "C3'" "C2'"  sing N N 54  
DA  "C3'" "H3'"  sing N N 55  
DA  "O3'" "HO3'" sing N N 56  
DA  "C2'" "C1'"  sing N N 57  
DA  "C2'" "H2'"  sing N N 58  
DA  "C2'" "H2''" sing N N 59  
DA  "C1'" N9     sing N N 60  
DA  "C1'" "H1'"  sing N N 61  
DA  N9    C8     sing Y N 62  
DA  N9    C4     sing Y N 63  
DA  C8    N7     doub Y N 64  
DA  C8    H8     sing N N 65  
DA  N7    C5     sing Y N 66  
DA  C5    C6     sing Y N 67  
DA  C5    C4     doub Y N 68  
DA  C6    N6     sing N N 69  
DA  C6    N1     doub Y N 70  
DA  N6    H61    sing N N 71  
DA  N6    H62    sing N N 72  
DA  N1    C2     sing Y N 73  
DA  C2    N3     doub Y N 74  
DA  C2    H2     sing N N 75  
DA  N3    C4     sing Y N 76  
DC  OP3   P      sing N N 77  
DC  OP3   HOP3   sing N N 78  
DC  P     OP1    doub N N 79  
DC  P     OP2    sing N N 80  
DC  P     "O5'"  sing N N 81  
DC  OP2   HOP2   sing N N 82  
DC  "O5'" "C5'"  sing N N 83  
DC  "C5'" "C4'"  sing N N 84  
DC  "C5'" "H5'"  sing N N 85  
DC  "C5'" "H5''" sing N N 86  
DC  "C4'" "O4'"  sing N N 87  
DC  "C4'" "C3'"  sing N N 88  
DC  "C4'" "H4'"  sing N N 89  
DC  "O4'" "C1'"  sing N N 90  
DC  "C3'" "O3'"  sing N N 91  
DC  "C3'" "C2'"  sing N N 92  
DC  "C3'" "H3'"  sing N N 93  
DC  "O3'" "HO3'" sing N N 94  
DC  "C2'" "C1'"  sing N N 95  
DC  "C2'" "H2'"  sing N N 96  
DC  "C2'" "H2''" sing N N 97  
DC  "C1'" N1     sing N N 98  
DC  "C1'" "H1'"  sing N N 99  
DC  N1    C2     sing N N 100 
DC  N1    C6     sing N N 101 
DC  C2    O2     doub N N 102 
DC  C2    N3     sing N N 103 
DC  N3    C4     doub N N 104 
DC  C4    N4     sing N N 105 
DC  C4    C5     sing N N 106 
DC  N4    H41    sing N N 107 
DC  N4    H42    sing N N 108 
DC  C5    C6     doub N N 109 
DC  C5    H5     sing N N 110 
DC  C6    H6     sing N N 111 
DG  OP3   P      sing N N 112 
DG  OP3   HOP3   sing N N 113 
DG  P     OP1    doub N N 114 
DG  P     OP2    sing N N 115 
DG  P     "O5'"  sing N N 116 
DG  OP2   HOP2   sing N N 117 
DG  "O5'" "C5'"  sing N N 118 
DG  "C5'" "C4'"  sing N N 119 
DG  "C5'" "H5'"  sing N N 120 
DG  "C5'" "H5''" sing N N 121 
DG  "C4'" "O4'"  sing N N 122 
DG  "C4'" "C3'"  sing N N 123 
DG  "C4'" "H4'"  sing N N 124 
DG  "O4'" "C1'"  sing N N 125 
DG  "C3'" "O3'"  sing N N 126 
DG  "C3'" "C2'"  sing N N 127 
DG  "C3'" "H3'"  sing N N 128 
DG  "O3'" "HO3'" sing N N 129 
DG  "C2'" "C1'"  sing N N 130 
DG  "C2'" "H2'"  sing N N 131 
DG  "C2'" "H2''" sing N N 132 
DG  "C1'" N9     sing N N 133 
DG  "C1'" "H1'"  sing N N 134 
DG  N9    C8     sing Y N 135 
DG  N9    C4     sing Y N 136 
DG  C8    N7     doub Y N 137 
DG  C8    H8     sing N N 138 
DG  N7    C5     sing Y N 139 
DG  C5    C6     sing N N 140 
DG  C5    C4     doub Y N 141 
DG  C6    O6     doub N N 142 
DG  C6    N1     sing N N 143 
DG  N1    C2     sing N N 144 
DG  N1    H1     sing N N 145 
DG  C2    N2     sing N N 146 
DG  C2    N3     doub N N 147 
DG  N2    H21    sing N N 148 
DG  N2    H22    sing N N 149 
DG  N3    C4     sing N N 150 
MG1 OP3   P      sing N N 151 
MG1 OP3   HOP3   sing N N 152 
MG1 P     OP1    doub N N 153 
MG1 P     OP2    sing N N 154 
MG1 P     "O5'"  sing N N 155 
MG1 OP2   HOP2   sing N N 156 
MG1 "O5'" "C5'"  sing N N 157 
MG1 "C5'" "C4'"  sing N N 158 
MG1 "C5'" "H5'"  sing N N 159 
MG1 "C5'" "H5''" sing N N 160 
MG1 "C4'" "O4'"  sing N N 161 
MG1 "C4'" "C3'"  sing N N 162 
MG1 "C4'" "H4'"  sing N N 163 
MG1 "O4'" "C1'"  sing N N 164 
MG1 "C3'" "O3'"  sing N N 165 
MG1 "C3'" "C2'"  sing N N 166 
MG1 "C3'" "H3'"  sing N N 167 
MG1 "O3'" "HO3'" sing N N 168 
MG1 "C2'" "C1'"  sing N N 169 
MG1 "C2'" "H2'"  sing N N 170 
MG1 "C2'" "H2''" sing N N 171 
MG1 "C1'" N9     sing N N 172 
MG1 "C1'" "H1'"  sing N N 173 
MG1 N9    C8     sing Y N 174 
MG1 N9    C4     sing Y N 175 
MG1 C8    N7     doub Y N 176 
MG1 C8    H8     sing N N 177 
MG1 N7    C5     sing Y N 178 
MG1 C5    C4     doub Y N 179 
MG1 C5    C6     sing N N 180 
MG1 C6    O6     doub N N 181 
MG1 C6    N1     sing N N 182 
MG1 N1    C2     sing N N 183 
MG1 N1    CM1    sing N N 184 
MG1 CM1   HM11   sing N N 185 
MG1 CM1   HM12   sing N N 186 
MG1 CM1   HM13   sing N N 187 
MG1 C2    N3     doub N N 188 
MG1 C2    N2     sing N N 189 
MG1 N2    H21    sing N N 190 
MG1 N2    H22    sing N N 191 
MG1 N3    C4     sing N N 192 
UMP N1    C2     sing N N 193 
UMP N1    C6     sing N N 194 
UMP N1    "C1'"  sing N N 195 
UMP C2    N3     sing N N 196 
UMP C2    O2     doub N N 197 
UMP N3    C4     sing N N 198 
UMP N3    HN3    sing N N 199 
UMP C4    C5     sing N N 200 
UMP C4    O4     doub N N 201 
UMP C5    C6     doub N N 202 
UMP C5    H5     sing N N 203 
UMP C6    H6     sing N N 204 
UMP "C1'" "C2'"  sing N N 205 
UMP "C1'" "O4'"  sing N N 206 
UMP "C1'" "H1'"  sing N N 207 
UMP "C2'" "C3'"  sing N N 208 
UMP "C2'" "H2'"  sing N N 209 
UMP "C2'" "H2''" sing N N 210 
UMP "C3'" "C4'"  sing N N 211 
UMP "C3'" "O3'"  sing N N 212 
UMP "C3'" "H3'"  sing N N 213 
UMP "C4'" "O4'"  sing N N 214 
UMP "C4'" "C5'"  sing N N 215 
UMP "C4'" "H4'"  sing N N 216 
UMP "O3'" "HO3'" sing N N 217 
UMP "C5'" "O5'"  sing N N 218 
UMP "C5'" "H5'"  sing N N 219 
UMP "C5'" "H5''" sing N N 220 
UMP "O5'" P      sing N N 221 
UMP P     OP1    doub N N 222 
UMP P     OP2    sing N N 223 
UMP P     OP3    sing N N 224 
UMP OP2   HOP2   sing N N 225 
UMP OP3   HOP3   sing N N 226 
# 
loop_
_ndb_struct_conf_na.entry_id 
_ndb_struct_conf_na.feature 
229D 'double helix' 
229D 'hairpin loop' 
# 
loop_
_ndb_struct_na_base_pair.model_number 
_ndb_struct_na_base_pair.i_label_asym_id 
_ndb_struct_na_base_pair.i_label_comp_id 
_ndb_struct_na_base_pair.i_label_seq_id 
_ndb_struct_na_base_pair.i_symmetry 
_ndb_struct_na_base_pair.j_label_asym_id 
_ndb_struct_na_base_pair.j_label_comp_id 
_ndb_struct_na_base_pair.j_label_seq_id 
_ndb_struct_na_base_pair.j_symmetry 
_ndb_struct_na_base_pair.shear 
_ndb_struct_na_base_pair.stretch 
_ndb_struct_na_base_pair.stagger 
_ndb_struct_na_base_pair.buckle 
_ndb_struct_na_base_pair.propeller 
_ndb_struct_na_base_pair.opening 
_ndb_struct_na_base_pair.pair_number 
_ndb_struct_na_base_pair.pair_name 
_ndb_struct_na_base_pair.i_auth_asym_id 
_ndb_struct_na_base_pair.i_auth_seq_id 
_ndb_struct_na_base_pair.i_PDB_ins_code 
_ndb_struct_na_base_pair.j_auth_asym_id 
_ndb_struct_na_base_pair.j_auth_seq_id 
_ndb_struct_na_base_pair.j_PDB_ins_code 
_ndb_struct_na_base_pair.hbond_type_28 
_ndb_struct_na_base_pair.hbond_type_12 
1 A DC 1 1_555 A DG  17 1_555 0.004  -0.068 -0.076 14.398 -14.793 -7.924 1 A_DC1:DG17_A  A 1 ? A 17 ? 19 1 
1 A DC 2 1_555 A DG  16 1_555 0.039  0.054  -0.547 18.016 1.521   -0.548 2 A_DC2:DG16_A  A 2 ? A 16 ? 19 1 
1 A DA 3 1_555 A UMP 15 1_555 0.289  0.137  0.454  34.759 -20.150 6.461  3 A_DA3:UMP15_A A 3 ? A 15 ? 20 1 
1 A DG 4 1_555 A 5CM 14 1_555 -0.208 0.003  0.281  10.130 4.963   -3.855 4 A_DG4:5CM14_A A 4 ? A 14 ? 19 1 
1 A DA 5 1_555 A UMP 13 1_555 -0.081 0.015  -0.102 8.086  12.530  -3.030 5 A_DA5:UMP13_A A 5 ? A 13 ? 20 1 
# 
loop_
_ndb_struct_na_base_pair_step.model_number 
_ndb_struct_na_base_pair_step.i_label_asym_id_1 
_ndb_struct_na_base_pair_step.i_label_comp_id_1 
_ndb_struct_na_base_pair_step.i_label_seq_id_1 
_ndb_struct_na_base_pair_step.i_symmetry_1 
_ndb_struct_na_base_pair_step.j_label_asym_id_1 
_ndb_struct_na_base_pair_step.j_label_comp_id_1 
_ndb_struct_na_base_pair_step.j_label_seq_id_1 
_ndb_struct_na_base_pair_step.j_symmetry_1 
_ndb_struct_na_base_pair_step.i_label_asym_id_2 
_ndb_struct_na_base_pair_step.i_label_comp_id_2 
_ndb_struct_na_base_pair_step.i_label_seq_id_2 
_ndb_struct_na_base_pair_step.i_symmetry_2 
_ndb_struct_na_base_pair_step.j_label_asym_id_2 
_ndb_struct_na_base_pair_step.j_label_comp_id_2 
_ndb_struct_na_base_pair_step.j_label_seq_id_2 
_ndb_struct_na_base_pair_step.j_symmetry_2 
_ndb_struct_na_base_pair_step.shift 
_ndb_struct_na_base_pair_step.slide 
_ndb_struct_na_base_pair_step.rise 
_ndb_struct_na_base_pair_step.tilt 
_ndb_struct_na_base_pair_step.roll 
_ndb_struct_na_base_pair_step.twist 
_ndb_struct_na_base_pair_step.x_displacement 
_ndb_struct_na_base_pair_step.y_displacement 
_ndb_struct_na_base_pair_step.helical_rise 
_ndb_struct_na_base_pair_step.inclination 
_ndb_struct_na_base_pair_step.tip 
_ndb_struct_na_base_pair_step.helical_twist 
_ndb_struct_na_base_pair_step.step_number 
_ndb_struct_na_base_pair_step.step_name 
_ndb_struct_na_base_pair_step.i_auth_asym_id_1 
_ndb_struct_na_base_pair_step.i_auth_seq_id_1 
_ndb_struct_na_base_pair_step.i_PDB_ins_code_1 
_ndb_struct_na_base_pair_step.j_auth_asym_id_1 
_ndb_struct_na_base_pair_step.j_auth_seq_id_1 
_ndb_struct_na_base_pair_step.j_PDB_ins_code_1 
_ndb_struct_na_base_pair_step.i_auth_asym_id_2 
_ndb_struct_na_base_pair_step.i_auth_seq_id_2 
_ndb_struct_na_base_pair_step.i_PDB_ins_code_2 
_ndb_struct_na_base_pair_step.j_auth_asym_id_2 
_ndb_struct_na_base_pair_step.j_auth_seq_id_2 
_ndb_struct_na_base_pair_step.j_PDB_ins_code_2 
1 A DC 1 1_555 A DG  17 1_555 A DC 2 1_555 A DG  16 1_555 -2.014 0.667  3.245 7.125 18.199 3.177  -6.477 9.151  0.412 75.293 
-29.476 19.798 1 AA_DC1DC2:DG16DG17_AA   A 1 ? A 17 ? A 2 ? A 16 ? 
1 A DC 2 1_555 A DG  16 1_555 A DA 3 1_555 A UMP 15 1_555 0.453  2.402  2.857 0.728 9.128  23.590 2.799  -0.821 3.536 21.327 
-1.701  25.281 2 AA_DC2DA3:UMP15DG16_AA  A 2 ? A 16 ? A 3 ? A 15 ? 
1 A DA 3 1_555 A UMP 15 1_555 A DG 4 1_555 A 5CM 14 1_555 0.477  -0.720 4.076 2.570 14.441 24.696 -5.368 -0.268 3.206 30.562 
-5.439  28.665 3 AA_DA3DG4:5CM14UMP15_AA A 3 ? A 15 ? A 4 ? A 14 ? 
1 A DG 4 1_555 A 5CM 14 1_555 A DA 5 1_555 A UMP 13 1_555 0.296  0.222  3.729 3.103 18.584 26.400 -3.466 0.114  3.211 35.509 
-5.930  32.337 4 AA_DG4DA5:UMP135CM14_AA A 4 ? A 14 ? A 5 ? A 13 ? 
# 
_atom_sites.entry_id                    229D 
_atom_sites.fract_transf_matrix[1][1]   1.000000 
_atom_sites.fract_transf_matrix[1][2]   0.000000 
_atom_sites.fract_transf_matrix[1][3]   0.000000 
_atom_sites.fract_transf_matrix[2][1]   0.000000 
_atom_sites.fract_transf_matrix[2][2]   1.000000 
_atom_sites.fract_transf_matrix[2][3]   0.000000 
_atom_sites.fract_transf_matrix[3][1]   0.000000 
_atom_sites.fract_transf_matrix[3][2]   0.000000 
_atom_sites.fract_transf_matrix[3][3]   1.000000 
_atom_sites.fract_transf_vector[1]      0.00000 
_atom_sites.fract_transf_vector[2]      0.00000 
_atom_sites.fract_transf_vector[3]      0.00000 
# 
loop_
_atom_type.symbol 
C 
H 
N 
O 
P 
# 
loop_
_atom_site.group_PDB 
_atom_site.id 
_atom_site.type_symbol 
_atom_site.label_atom_id 
_atom_site.label_alt_id 
_atom_site.label_comp_id 
_atom_site.label_asym_id 
_atom_site.label_entity_id 
_atom_site.label_seq_id 
_atom_site.pdbx_PDB_ins_code 
_atom_site.Cartn_x 
_atom_site.Cartn_y 
_atom_site.Cartn_z 
_atom_site.occupancy 
_atom_site.B_iso_or_equiv 
_atom_site.pdbx_formal_charge 
_atom_site.auth_seq_id 
_atom_site.auth_comp_id 
_atom_site.auth_asym_id 
_atom_site.auth_atom_id 
_atom_site.pdbx_PDB_model_num 
ATOM   1   O "O5'"  . DC  A 1 1  ? 10.859  7.153   -4.185  1.00 0.00 ? 1  DC  A "O5'"  1 
ATOM   2   C "C5'"  . DC  A 1 1  ? 10.540  7.677   -2.912  1.00 0.00 ? 1  DC  A "C5'"  1 
ATOM   3   C "C4'"  . DC  A 1 1  ? 11.360  6.968   -1.827  1.00 0.00 ? 1  DC  A "C4'"  1 
ATOM   4   O "O4'"  . DC  A 1 1  ? 11.040  7.544   -0.568  1.00 0.00 ? 1  DC  A "O4'"  1 
ATOM   5   C "C3'"  . DC  A 1 1  ? 11.066  5.461   -1.757  1.00 0.00 ? 1  DC  A "C3'"  1 
ATOM   6   O "O3'"  . DC  A 1 1  ? 12.287  4.782   -1.445  1.00 0.00 ? 1  DC  A "O3'"  1 
ATOM   7   C "C2'"  . DC  A 1 1  ? 10.027  5.415   -0.635  1.00 0.00 ? 1  DC  A "C2'"  1 
ATOM   8   C "C1'"  . DC  A 1 1  ? 10.429  6.581   0.270   1.00 0.00 ? 1  DC  A "C1'"  1 
ATOM   9   N N1     . DC  A 1 1  ? 9.280   7.201   1.005   1.00 0.00 ? 1  DC  A N1     1 
ATOM   10  C C2     . DC  A 1 1  ? 9.409   7.480   2.382   1.00 0.00 ? 1  DC  A C2     1 
ATOM   11  O O2     . DC  A 1 1  ? 10.398  7.125   3.023   1.00 0.00 ? 1  DC  A O2     1 
ATOM   12  N N3     . DC  A 1 1  ? 8.402   8.172   3.001   1.00 0.00 ? 1  DC  A N3     1 
ATOM   13  C C4     . DC  A 1 1  ? 7.299   8.563   2.330   1.00 0.00 ? 1  DC  A C4     1 
ATOM   14  N N4     . DC  A 1 1  ? 6.355   9.261   2.968   1.00 0.00 ? 1  DC  A N4     1 
ATOM   15  C C5     . DC  A 1 1  ? 7.125   8.253   0.937   1.00 0.00 ? 1  DC  A C5     1 
ATOM   16  C C6     . DC  A 1 1  ? 8.138   7.592   0.324   1.00 0.00 ? 1  DC  A C6     1 
ATOM   17  H "H5'"  . DC  A 1 1  ? 9.473   7.552   -2.726  1.00 0.00 ? 1  DC  A "H5'"  1 
ATOM   18  H "H5''" . DC  A 1 1  ? 10.781  8.741   -2.907  1.00 0.00 ? 1  DC  A "H5''" 1 
ATOM   19  H "H4'"  . DC  A 1 1  ? 12.418  7.143   -2.033  1.00 0.00 ? 1  DC  A "H4'"  1 
ATOM   20  H "H3'"  . DC  A 1 1  ? 10.603  5.095   -2.675  1.00 0.00 ? 1  DC  A "H3'"  1 
ATOM   21  H "H2'"  . DC  A 1 1  ? 9.040   5.549   -1.079  1.00 0.00 ? 1  DC  A "H2'"  1 
ATOM   22  H "H2''" . DC  A 1 1  ? 10.021  4.491   -0.074  1.00 0.00 ? 1  DC  A "H2''" 1 
ATOM   23  H "H1'"  . DC  A 1 1  ? 11.201  6.203   0.941   1.00 0.00 ? 1  DC  A "H1'"  1 
ATOM   24  H H41    . DC  A 1 1  ? 6.497   9.508   3.929   1.00 0.00 ? 1  DC  A H41    1 
ATOM   25  H H42    . DC  A 1 1  ? 5.524   9.569   2.484   1.00 0.00 ? 1  DC  A H42    1 
ATOM   26  H H5     . DC  A 1 1  ? 6.239   8.521   0.379   1.00 0.00 ? 1  DC  A H5     1 
ATOM   27  H H6     . DC  A 1 1  ? 8.035   7.402   -0.730  1.00 0.00 ? 1  DC  A H6     1 
ATOM   28  H "HO5'" . DC  A 1 1  ? 10.351  7.626   -4.846  1.00 0.00 ? 1  DC  A "HO5'" 1 
ATOM   29  P P      . DC  A 1 2  ? 12.902  3.541   -2.327  1.00 0.00 ? 2  DC  A P      1 
ATOM   30  O OP1    . DC  A 1 2  ? 14.345  3.789   -2.529  1.00 0.00 ? 2  DC  A OP1    1 
ATOM   31  O OP2    . DC  A 1 2  ? 12.029  3.294   -3.497  1.00 0.00 ? 2  DC  A OP2    1 
ATOM   32  O "O5'"  . DC  A 1 2  ? 12.756  2.275   -1.315  1.00 0.00 ? 2  DC  A "O5'"  1 
ATOM   33  C "C5'"  . DC  A 1 2  ? 11.715  2.287   -0.368  1.00 0.00 ? 2  DC  A "C5'"  1 
ATOM   34  C "C4'"  . DC  A 1 2  ? 11.358  0.965   0.358   1.00 0.00 ? 2  DC  A "C4'"  1 
ATOM   35  O "O4'"  . DC  A 1 2  ? 10.550  1.243   1.517   1.00 0.00 ? 2  DC  A "O4'"  1 
ATOM   36  C "C3'"  . DC  A 1 2  ? 10.427  0.152   -0.561  1.00 0.00 ? 2  DC  A "C3'"  1 
ATOM   37  O "O3'"  . DC  A 1 2  ? 10.707  -1.223  -0.357  1.00 0.00 ? 2  DC  A "O3'"  1 
ATOM   38  C "C2'"  . DC  A 1 2  ? 9.005   0.587   -0.128  1.00 0.00 ? 2  DC  A "C2'"  1 
ATOM   39  C "C1'"  . DC  A 1 2  ? 9.302   1.624   0.965   1.00 0.00 ? 2  DC  A "C1'"  1 
ATOM   40  N N1     . DC  A 1 2  ? 8.231   2.460   1.590   1.00 0.00 ? 2  DC  A N1     1 
ATOM   41  C C2     . DC  A 1 2  ? 8.426   2.926   2.904   1.00 0.00 ? 2  DC  A C2     1 
ATOM   42  O O2     . DC  A 1 2  ? 9.195   2.345   3.665   1.00 0.00 ? 2  DC  A O2     1 
ATOM   43  N N3     . DC  A 1 2  ? 7.741   4.044   3.316   1.00 0.00 ? 2  DC  A N3     1 
ATOM   44  C C4     . DC  A 1 2  ? 6.961   4.745   2.467   1.00 0.00 ? 2  DC  A C4     1 
ATOM   45  N N4     . DC  A 1 2  ? 6.235   5.772   2.920   1.00 0.00 ? 2  DC  A N4     1 
ATOM   46  C C5     . DC  A 1 2  ? 6.854   4.374   1.081   1.00 0.00 ? 2  DC  A C5     1 
ATOM   47  C C6     . DC  A 1 2  ? 7.456   3.217   0.714   1.00 0.00 ? 2  DC  A C6     1 
ATOM   48  H "H5'"  . DC  A 1 2  ? 10.863  2.601   -0.976  1.00 0.00 ? 2  DC  A "H5'"  1 
ATOM   49  H "H5''" . DC  A 1 2  ? 11.942  3.042   0.388   1.00 0.00 ? 2  DC  A "H5''" 1 
ATOM   50  H "H4'"  . DC  A 1 2  ? 12.274  0.439   0.631   1.00 0.00 ? 2  DC  A "H4'"  1 
ATOM   51  H "H3'"  . DC  A 1 2  ? 10.615  0.421   -1.603  1.00 0.00 ? 2  DC  A "H3'"  1 
ATOM   52  H "H2'"  . DC  A 1 2  ? 8.472   1.042   -0.962  1.00 0.00 ? 2  DC  A "H2'"  1 
ATOM   53  H "H2''" . DC  A 1 2  ? 8.430   -0.252  0.266   1.00 0.00 ? 2  DC  A "H2''" 1 
ATOM   54  H "H1'"  . DC  A 1 2  ? 9.636   2.515   0.491   1.00 0.00 ? 2  DC  A "H1'"  1 
ATOM   55  H H41    . DC  A 1 2  ? 6.225   6.001   3.902   1.00 0.00 ? 2  DC  A H41    1 
ATOM   56  H H42    . DC  A 1 2  ? 5.646   6.285   2.276   1.00 0.00 ? 2  DC  A H42    1 
ATOM   57  H H5     . DC  A 1 2  ? 6.351   4.969   0.332   1.00 0.00 ? 2  DC  A H5     1 
ATOM   58  H H6     . DC  A 1 2  ? 7.458   2.969   -0.338  1.00 0.00 ? 2  DC  A H6     1 
ATOM   59  P P      . DA  A 1 3  ? 10.453  -2.364  -1.482  1.00 0.00 ? 3  DA  A P      1 
ATOM   60  O OP1    . DA  A 1 3  ? 11.709  -3.126  -1.658  1.00 0.00 ? 3  DA  A OP1    1 
ATOM   61  O OP2    . DA  A 1 3  ? 9.782   -1.762  -2.655  1.00 0.00 ? 3  DA  A OP2    1 
ATOM   62  O "O5'"  . DA  A 1 3  ? 9.390   -3.302  -0.717  1.00 0.00 ? 3  DA  A "O5'"  1 
ATOM   63  C "C5'"  . DA  A 1 3  ? 9.720   -3.962  0.497   1.00 0.00 ? 3  DA  A "C5'"  1 
ATOM   64  C "C4'"  . DA  A 1 3  ? 8.472   -4.040  1.380   1.00 0.00 ? 3  DA  A "C4'"  1 
ATOM   65  O "O4'"  . DA  A 1 3  ? 7.972   -2.727  1.523   1.00 0.00 ? 3  DA  A "O4'"  1 
ATOM   66  C "C3'"  . DA  A 1 3  ? 7.336   -4.923  0.825   1.00 0.00 ? 3  DA  A "C3'"  1 
ATOM   67  O "O3'"  . DA  A 1 3  ? 7.209   -6.076  1.653   1.00 0.00 ? 3  DA  A "O3'"  1 
ATOM   68  C "C2'"  . DA  A 1 3  ? 6.112   -3.995  0.844   1.00 0.00 ? 3  DA  A "C2'"  1 
ATOM   69  C "C1'"  . DA  A 1 3  ? 6.577   -2.793  1.669   1.00 0.00 ? 3  DA  A "C1'"  1 
ATOM   70  N N9     . DA  A 1 3  ? 6.000   -1.487  1.265   1.00 0.00 ? 3  DA  A N9     1 
ATOM   71  C C8     . DA  A 1 3  ? 5.449   -1.074  0.072   1.00 0.00 ? 3  DA  A C8     1 
ATOM   72  N N7     . DA  A 1 3  ? 4.925   0.120   0.108   1.00 0.00 ? 3  DA  A N7     1 
ATOM   73  C C5     . DA  A 1 3  ? 5.203   0.562   1.396   1.00 0.00 ? 3  DA  A C5     1 
ATOM   74  C C6     . DA  A 1 3  ? 4.914   1.756   2.108   1.00 0.00 ? 3  DA  A C6     1 
ATOM   75  N N6     . DA  A 1 3  ? 4.128   2.732   1.634   1.00 0.00 ? 3  DA  A N6     1 
ATOM   76  N N1     . DA  A 1 3  ? 5.462   1.919   3.336   1.00 0.00 ? 3  DA  A N1     1 
ATOM   77  C C2     . DA  A 1 3  ? 6.218   0.947   3.857   1.00 0.00 ? 3  DA  A C2     1 
ATOM   78  N N3     . DA  A 1 3  ? 6.508   -0.239  3.314   1.00 0.00 ? 3  DA  A N3     1 
ATOM   79  C C4     . DA  A 1 3  ? 5.954   -0.376  2.069   1.00 0.00 ? 3  DA  A C4     1 
ATOM   80  H "H5'"  . DA  A 1 3  ? 10.469  -3.402  1.062   1.00 0.00 ? 3  DA  A "H5'"  1 
ATOM   81  H "H5''" . DA  A 1 3  ? 10.116  -4.956  0.287   1.00 0.00 ? 3  DA  A "H5''" 1 
ATOM   82  H "H4'"  . DA  A 1 3  ? 8.766   -4.390  2.372   1.00 0.00 ? 3  DA  A "H4'"  1 
ATOM   83  H "H3'"  . DA  A 1 3  ? 7.552   -5.224  -0.204  1.00 0.00 ? 3  DA  A "H3'"  1 
ATOM   84  H "H2'"  . DA  A 1 3  ? 5.876   -3.723  -0.184  1.00 0.00 ? 3  DA  A "H2'"  1 
ATOM   85  H "H2''" . DA  A 1 3  ? 5.223   -4.429  1.297   1.00 0.00 ? 3  DA  A "H2''" 1 
ATOM   86  H "H1'"  . DA  A 1 3  ? 6.353   -2.991  2.720   1.00 0.00 ? 3  DA  A "H1'"  1 
ATOM   87  H H8     . DA  A 1 3  ? 5.418   -1.679  -0.821  1.00 0.00 ? 3  DA  A H8     1 
ATOM   88  H H61    . DA  A 1 3  ? 3.958   3.553   2.198   1.00 0.00 ? 3  DA  A H61    1 
ATOM   89  H H62    . DA  A 1 3  ? 3.665   2.621   0.744   1.00 0.00 ? 3  DA  A H62    1 
ATOM   90  H H2     . DA  A 1 3  ? 6.658   1.150   4.822   1.00 0.00 ? 3  DA  A H2     1 
ATOM   91  P P      . DG  A 1 4  ? 6.114   -7.244  1.406   1.00 0.00 ? 4  DG  A P      1 
ATOM   92  O OP1    . DG  A 1 4  ? 6.577   -8.462  2.107   1.00 0.00 ? 4  DG  A OP1    1 
ATOM   93  O OP2    . DG  A 1 4  ? 5.802   -7.304  -0.039  1.00 0.00 ? 4  DG  A OP2    1 
ATOM   94  O "O5'"  . DG  A 1 4  ? 4.811   -6.677  2.178   1.00 0.00 ? 4  DG  A "O5'"  1 
ATOM   95  C "C5'"  . DG  A 1 4  ? 4.733   -6.576  3.593   1.00 0.00 ? 4  DG  A "C5'"  1 
ATOM   96  C "C4'"  . DG  A 1 4  ? 3.432   -5.863  4.009   1.00 0.00 ? 4  DG  A "C4'"  1 
ATOM   97  O "O4'"  . DG  A 1 4  ? 3.515   -4.466  3.717   1.00 0.00 ? 4  DG  A "O4'"  1 
ATOM   98  C "C3'"  . DG  A 1 4  ? 2.203   -6.416  3.248   1.00 0.00 ? 4  DG  A "C3'"  1 
ATOM   99  O "O3'"  . DG  A 1 4  ? 1.029   -6.520  4.055   1.00 0.00 ? 4  DG  A "O3'"  1 
ATOM   100 C "C2'"  . DG  A 1 4  ? 1.991   -5.295  2.237   1.00 0.00 ? 4  DG  A "C2'"  1 
ATOM   101 C "C1'"  . DG  A 1 4  ? 2.284   -4.095  3.132   1.00 0.00 ? 4  DG  A "C1'"  1 
ATOM   102 N N9     . DG  A 1 4  ? 2.290   -2.787  2.433   1.00 0.00 ? 4  DG  A N9     1 
ATOM   103 C C8     . DG  A 1 4  ? 2.412   -2.513  1.091   1.00 0.00 ? 4  DG  A C8     1 
ATOM   104 N N7     . DG  A 1 4  ? 2.176   -1.273  0.770   1.00 0.00 ? 4  DG  A N7     1 
ATOM   105 C C5     . DG  A 1 4  ? 1.884   -0.664  1.983   1.00 0.00 ? 4  DG  A C5     1 
ATOM   106 C C6     . DG  A 1 4  ? 1.491   0.685   2.263   1.00 0.00 ? 4  DG  A C6     1 
ATOM   107 O O6     . DG  A 1 4  ? 1.353   1.597   1.456   1.00 0.00 ? 4  DG  A O6     1 
ATOM   108 N N1     . DG  A 1 4  ? 1.238   0.916   3.623   1.00 0.00 ? 4  DG  A N1     1 
ATOM   109 C C2     . DG  A 1 4  ? 1.333   -0.067  4.606   1.00 0.00 ? 4  DG  A C2     1 
ATOM   110 N N2     . DG  A 1 4  ? 1.028   0.293   5.861   1.00 0.00 ? 4  DG  A N2     1 
ATOM   111 N N3     . DG  A 1 4  ? 1.691   -1.343  4.333   1.00 0.00 ? 4  DG  A N3     1 
ATOM   112 C C4     . DG  A 1 4  ? 1.955   -1.581  3.010   1.00 0.00 ? 4  DG  A C4     1 
ATOM   113 H "H5'"  . DG  A 1 4  ? 5.588   -6.023  3.987   1.00 0.00 ? 4  DG  A "H5'"  1 
ATOM   114 H "H5''" . DG  A 1 4  ? 4.733   -7.578  4.024   1.00 0.00 ? 4  DG  A "H5''" 1 
ATOM   115 H "H4'"  . DG  A 1 4  ? 3.299   -5.974  5.087   1.00 0.00 ? 4  DG  A "H4'"  1 
ATOM   116 H "H3'"  . DG  A 1 4  ? 2.398   -7.353  2.724   1.00 0.00 ? 4  DG  A "H3'"  1 
ATOM   117 H "H2'"  . DG  A 1 4  ? 2.720   -5.367  1.427   1.00 0.00 ? 4  DG  A "H2'"  1 
ATOM   118 H "H2''" . DG  A 1 4  ? 0.994   -5.301  1.819   1.00 0.00 ? 4  DG  A "H2''" 1 
ATOM   119 H "H1'"  . DG  A 1 4  ? 1.527   -4.042  3.919   1.00 0.00 ? 4  DG  A "H1'"  1 
ATOM   120 H H8     . DG  A 1 4  ? 2.650   -3.259  0.348   1.00 0.00 ? 4  DG  A H8     1 
ATOM   121 H H1     . DG  A 1 4  ? 0.952   1.847   3.893   1.00 0.00 ? 4  DG  A H1     1 
ATOM   122 H H21    . DG  A 1 4  ? 0.743   1.240   6.063   1.00 0.00 ? 4  DG  A H21    1 
ATOM   123 H H22    . DG  A 1 4  ? 1.067   -0.390  6.604   1.00 0.00 ? 4  DG  A H22    1 
ATOM   124 P P      . DA  A 1 5  ? 0.700   -7.815  4.971   1.00 0.00 ? 5  DA  A P      1 
ATOM   125 O OP1    . DA  A 1 5  ? 1.161   -7.546  6.352   1.00 0.00 ? 5  DA  A OP1    1 
ATOM   126 O OP2    . DA  A 1 5  ? 1.183   -9.019  4.260   1.00 0.00 ? 5  DA  A OP2    1 
ATOM   127 O "O5'"  . DA  A 1 5  ? -0.922  -7.871  4.948   1.00 0.00 ? 5  DA  A "O5'"  1 
ATOM   128 C "C5'"  . DA  A 1 5  ? -1.763  -7.298  5.943   1.00 0.00 ? 5  DA  A "C5'"  1 
ATOM   129 C "C4'"  . DA  A 1 5  ? -2.798  -6.363  5.305   1.00 0.00 ? 5  DA  A "C4'"  1 
ATOM   130 O "O4'"  . DA  A 1 5  ? -2.167  -5.174  4.839   1.00 0.00 ? 5  DA  A "O4'"  1 
ATOM   131 C "C3'"  . DA  A 1 5  ? -3.522  -7.009  4.103   1.00 0.00 ? 5  DA  A "C3'"  1 
ATOM   132 O "O3'"  . DA  A 1 5  ? -4.922  -6.791  4.211   1.00 0.00 ? 5  DA  A "O3'"  1 
ATOM   133 C "C2'"  . DA  A 1 5  ? -2.956  -6.194  2.946   1.00 0.00 ? 5  DA  A "C2'"  1 
ATOM   134 C "C1'"  . DA  A 1 5  ? -2.790  -4.838  3.620   1.00 0.00 ? 5  DA  A "C1'"  1 
ATOM   135 N N9     . DA  A 1 5  ? -2.033  -3.870  2.791   1.00 0.00 ? 5  DA  A N9     1 
ATOM   136 C C8     . DA  A 1 5  ? -1.303  -4.101  1.649   1.00 0.00 ? 5  DA  A C8     1 
ATOM   137 N N7     . DA  A 1 5  ? -0.962  -3.031  0.992   1.00 0.00 ? 5  DA  A N7     1 
ATOM   138 C C5     . DA  A 1 5  ? -1.528  -2.004  1.733   1.00 0.00 ? 5  DA  A C5     1 
ATOM   139 C C6     . DA  A 1 5  ? -1.654  -0.611  1.509   1.00 0.00 ? 5  DA  A C6     1 
ATOM   140 N N6     . DA  A 1 5  ? -1.198  -0.021  0.397   1.00 0.00 ? 5  DA  A N6     1 
ATOM   141 N N1     . DA  A 1 5  ? -2.340  0.134   2.411   1.00 0.00 ? 5  DA  A N1     1 
ATOM   142 C C2     . DA  A 1 5  ? -2.887  -0.471  3.474   1.00 0.00 ? 5  DA  A C2     1 
ATOM   143 N N3     . DA  A 1 5  ? -2.862  -1.774  3.777   1.00 0.00 ? 5  DA  A N3     1 
ATOM   144 C C4     . DA  A 1 5  ? -2.160  -2.502  2.853   1.00 0.00 ? 5  DA  A C4     1 
ATOM   145 H "H5'"  . DA  A 1 5  ? -1.219  -6.751  6.715   1.00 0.00 ? 5  DA  A "H5'"  1 
ATOM   146 H "H5''" . DA  A 1 5  ? -2.302  -8.116  6.424   1.00 0.00 ? 5  DA  A "H5''" 1 
ATOM   147 H "H4'"  . DA  A 1 5  ? -3.524  -6.080  6.071   1.00 0.00 ? 5  DA  A "H4'"  1 
ATOM   148 H "H3'"  . DA  A 1 5  ? -3.274  -8.065  3.970   1.00 0.00 ? 5  DA  A "H3'"  1 
ATOM   149 H "H2'"  . DA  A 1 5  ? -1.988  -6.612  2.663   1.00 0.00 ? 5  DA  A "H2'"  1 
ATOM   150 H "H2''" . DA  A 1 5  ? -3.602  -6.122  2.075   1.00 0.00 ? 5  DA  A "H2''" 1 
ATOM   151 H "H1'"  . DA  A 1 5  ? -3.780  -4.420  3.824   1.00 0.00 ? 5  DA  A "H1'"  1 
ATOM   152 H H8     . DA  A 1 5  ? -1.064  -5.088  1.288   1.00 0.00 ? 5  DA  A H8     1 
ATOM   153 H H61    . DA  A 1 5  ? -1.370  0.961   0.239   1.00 0.00 ? 5  DA  A H61    1 
ATOM   154 H H62    . DA  A 1 5  ? -0.734  -0.573  -0.310  1.00 0.00 ? 5  DA  A H62    1 
ATOM   155 H H2     . DA  A 1 5  ? -3.436  0.165   4.152   1.00 0.00 ? 5  DA  A H2     1 
ATOM   156 P P      . DC  A 1 6  ? -5.998  -7.998  4.178   1.00 0.00 ? 6  DC  A P      1 
ATOM   157 O OP1    . DC  A 1 6  ? -7.343  -7.423  4.406   1.00 0.00 ? 6  DC  A OP1    1 
ATOM   158 O OP2    . DC  A 1 6  ? -5.508  -9.089  5.051   1.00 0.00 ? 6  DC  A OP2    1 
ATOM   159 O "O5'"  . DC  A 1 6  ? -5.923  -8.514  2.652   1.00 0.00 ? 6  DC  A "O5'"  1 
ATOM   160 C "C5'"  . DC  A 1 6  ? -5.877  -7.634  1.538   1.00 0.00 ? 6  DC  A "C5'"  1 
ATOM   161 C "C4'"  . DC  A 1 6  ? -6.795  -8.176  0.438   1.00 0.00 ? 6  DC  A "C4'"  1 
ATOM   162 O "O4'"  . DC  A 1 6  ? -7.972  -7.404  0.411   1.00 0.00 ? 6  DC  A "O4'"  1 
ATOM   163 C "C3'"  . DC  A 1 6  ? -6.207  -8.160  -0.985  1.00 0.00 ? 6  DC  A "C3'"  1 
ATOM   164 O "O3'"  . DC  A 1 6  ? -6.282  -9.483  -1.489  1.00 0.00 ? 6  DC  A "O3'"  1 
ATOM   165 C "C2'"  . DC  A 1 6  ? -7.171  -7.298  -1.785  1.00 0.00 ? 6  DC  A "C2'"  1 
ATOM   166 C "C1'"  . DC  A 1 6  ? -8.414  -7.328  -0.923  1.00 0.00 ? 6  DC  A "C1'"  1 
ATOM   167 N N1     . DC  A 1 6  ? -9.274  -6.167  -1.245  1.00 0.00 ? 6  DC  A N1     1 
ATOM   168 C C2     . DC  A 1 6  ? -9.588  -5.211  -0.259  1.00 0.00 ? 6  DC  A C2     1 
ATOM   169 O O2     . DC  A 1 6  ? -8.809  -4.935  0.653   1.00 0.00 ? 6  DC  A O2     1 
ATOM   170 N N3     . DC  A 1 6  ? -10.802 -4.588  -0.347  1.00 0.00 ? 6  DC  A N3     1 
ATOM   171 C C4     . DC  A 1 6  ? -11.617 -4.804  -1.399  1.00 0.00 ? 6  DC  A C4     1 
ATOM   172 N N4     . DC  A 1 6  ? -12.810 -4.205  -1.420  1.00 0.00 ? 6  DC  A N4     1 
ATOM   173 C C5     . DC  A 1 6  ? -11.186 -5.594  -2.531  1.00 0.00 ? 6  DC  A C5     1 
ATOM   174 C C6     . DC  A 1 6  ? -9.997  -6.231  -2.414  1.00 0.00 ? 6  DC  A C6     1 
ATOM   175 H "H5'"  . DC  A 1 6  ? -4.852  -7.616  1.177   1.00 0.00 ? 6  DC  A "H5'"  1 
ATOM   176 H "H5''" . DC  A 1 6  ? -6.174  -6.613  1.801   1.00 0.00 ? 6  DC  A "H5''" 1 
ATOM   177 H "H4'"  . DC  A 1 6  ? -7.103  -9.195  0.687   1.00 0.00 ? 6  DC  A "H4'"  1 
ATOM   178 H "H3'"  . DC  A 1 6  ? -5.210  -7.715  -1.059  1.00 0.00 ? 6  DC  A "H3'"  1 
ATOM   179 H "H2'"  . DC  A 1 6  ? -6.799  -6.274  -1.864  1.00 0.00 ? 6  DC  A "H2'"  1 
ATOM   180 H "H2''" . DC  A 1 6  ? -7.390  -7.707  -2.774  1.00 0.00 ? 6  DC  A "H2''" 1 
ATOM   181 H "H1'"  . DC  A 1 6  ? -8.960  -8.253  -1.131  1.00 0.00 ? 6  DC  A "H1'"  1 
ATOM   182 H H41    . DC  A 1 6  ? -13.152 -3.752  -0.586  1.00 0.00 ? 6  DC  A H41    1 
ATOM   183 H H42    . DC  A 1 6  ? -13.363 -4.219  -2.265  1.00 0.00 ? 6  DC  A H42    1 
ATOM   184 H H5     . DC  A 1 6  ? -11.752 -5.709  -3.443  1.00 0.00 ? 6  DC  A H5     1 
ATOM   185 H H6     . DC  A 1 6  ? -9.640  -6.851  -3.227  1.00 0.00 ? 6  DC  A H6     1 
HETATM 186 N N1     . UMP A 1 7  ? -6.389  -7.826  -5.967  1.00 0.00 ? 7  UMP A N1     1 
HETATM 187 C C2     . UMP A 1 7  ? -7.054  -6.762  -6.600  1.00 0.00 ? 7  UMP A C2     1 
HETATM 188 N N3     . UMP A 1 7  ? -7.054  -5.545  -5.899  1.00 0.00 ? 7  UMP A N3     1 
HETATM 189 C C4     . UMP A 1 7  ? -6.262  -5.262  -4.775  1.00 0.00 ? 7  UMP A C4     1 
HETATM 190 C C5     . UMP A 1 7  ? -5.584  -6.405  -4.218  1.00 0.00 ? 7  UMP A C5     1 
HETATM 191 C C6     . UMP A 1 7  ? -5.656  -7.599  -4.830  1.00 0.00 ? 7  UMP A C6     1 
HETATM 192 O O2     . UMP A 1 7  ? -7.560  -6.852  -7.718  1.00 0.00 ? 7  UMP A O2     1 
HETATM 193 O O4     . UMP A 1 7  ? -6.074  -4.116  -4.382  1.00 0.00 ? 7  UMP A O4     1 
HETATM 194 C "C1'"  . UMP A 1 7  ? -6.465  -9.218  -6.496  1.00 0.00 ? 7  UMP A "C1'"  1 
HETATM 195 C "C2'"  . UMP A 1 7  ? -5.272  -9.539  -7.380  1.00 0.00 ? 7  UMP A "C2'"  1 
HETATM 196 C "C3'"  . UMP A 1 7  ? -4.197  -10.100 -6.470  1.00 0.00 ? 7  UMP A "C3'"  1 
HETATM 197 C "C4'"  . UMP A 1 7  ? -5.078  -10.792 -5.419  1.00 0.00 ? 7  UMP A "C4'"  1 
HETATM 198 O "O3'"  . UMP A 1 7  ? -3.454  -11.099 -7.162  1.00 0.00 ? 7  UMP A "O3'"  1 
HETATM 199 O "O4'"  . UMP A 1 7  ? -6.373  -10.172 -5.423  1.00 0.00 ? 7  UMP A "O4'"  1 
HETATM 200 C "C5'"  . UMP A 1 7  ? -4.292  -10.961 -4.086  1.00 0.00 ? 7  UMP A "C5'"  1 
HETATM 201 O "O5'"  . UMP A 1 7  ? -4.584  -10.049 -3.046  1.00 0.00 ? 7  UMP A "O5'"  1 
HETATM 202 P P      . UMP A 1 7  ? -5.008  -10.454 -1.548  1.00 0.00 ? 7  UMP A P      1 
HETATM 203 O OP1    . UMP A 1 7  ? -5.481  -11.855 -1.506  1.00 0.00 ? 7  UMP A OP1    1 
HETATM 204 O OP2    . UMP A 1 7  ? -3.975  -9.976  -0.600  1.00 0.00 ? 7  UMP A OP2    1 
HETATM 205 H HN3    . UMP A 1 7  ? -7.457  -4.749  -6.372  1.00 0.00 ? 7  UMP A HN3    1 
HETATM 206 H H5     . UMP A 1 7  ? -4.970  -6.310  -3.336  1.00 0.00 ? 7  UMP A H5     1 
HETATM 207 H H6     . UMP A 1 7  ? -5.101  -8.391  -4.407  1.00 0.00 ? 7  UMP A H6     1 
HETATM 208 H "H1'"  . UMP A 1 7  ? -7.380  -9.355  -7.083  1.00 0.00 ? 7  UMP A "H1'"  1 
HETATM 209 H "H2'"  . UMP A 1 7  ? -4.927  -8.710  -8.002  1.00 0.00 ? 7  UMP A "H2'"  1 
HETATM 210 H "H2''" . UMP A 1 7  ? -5.611  -10.381 -7.965  1.00 0.00 ? 7  UMP A "H2''" 1 
HETATM 211 H "H3'"  . UMP A 1 7  ? -3.601  -9.284  -6.054  1.00 0.00 ? 7  UMP A "H3'"  1 
HETATM 212 H "H4'"  . UMP A 1 7  ? -5.297  -11.800 -5.779  1.00 0.00 ? 7  UMP A "H4'"  1 
HETATM 213 H "H5'"  . UMP A 1 7  ? -4.299  -12.000 -3.761  1.00 0.00 ? 7  UMP A "H5'"  1 
HETATM 214 H "H5''" . UMP A 1 7  ? -3.253  -10.716 -4.296  1.00 0.00 ? 7  UMP A "H5''" 1 
ATOM   215 P P      . DG  A 1 8  ? -1.843  -11.151 -7.283  1.00 0.00 ? 8  DG  A P      1 
ATOM   216 O OP1    . DG  A 1 8  ? -1.498  -12.546 -7.640  1.00 0.00 ? 8  DG  A OP1    1 
ATOM   217 O OP2    . DG  A 1 8  ? -1.237  -10.531 -6.084  1.00 0.00 ? 8  DG  A OP2    1 
ATOM   218 O "O5'"  . DG  A 1 8  ? -1.513  -10.218 -8.567  1.00 0.00 ? 8  DG  A "O5'"  1 
ATOM   219 C "C5'"  . DG  A 1 8  ? -0.309  -10.361 -9.309  1.00 0.00 ? 8  DG  A "C5'"  1 
ATOM   220 C "C4'"  . DG  A 1 8  ? -0.574  -10.411 -10.825 1.00 0.00 ? 8  DG  A "C4'"  1 
ATOM   221 O "O4'"  . DG  A 1 8  ? -1.686  -11.243 -11.090 1.00 0.00 ? 8  DG  A "O4'"  1 
ATOM   222 C "C3'"  . DG  A 1 8  ? -0.821  -9.045  -11.484 1.00 0.00 ? 8  DG  A "C3'"  1 
ATOM   223 O "O3'"  . DG  A 1 8  ? 0.294   -8.675  -12.281 1.00 0.00 ? 8  DG  A "O3'"  1 
ATOM   224 C "C2'"  . DG  A 1 8  ? -2.020  -9.252  -12.407 1.00 0.00 ? 8  DG  A "C2'"  1 
ATOM   225 C "C1'"  . DG  A 1 8  ? -2.510  -10.663 -12.081 1.00 0.00 ? 8  DG  A "C1'"  1 
ATOM   226 N N9     . DG  A 1 8  ? -3.903  -10.611 -11.598 1.00 0.00 ? 8  DG  A N9     1 
ATOM   227 C C8     . DG  A 1 8  ? -4.384  -10.359 -10.346 1.00 0.00 ? 8  DG  A C8     1 
ATOM   228 N N7     . DG  A 1 8  ? -5.681  -10.428 -10.256 1.00 0.00 ? 8  DG  A N7     1 
ATOM   229 C C5     . DG  A 1 8  ? -6.106  -10.653 -11.546 1.00 0.00 ? 8  DG  A C5     1 
ATOM   230 C C6     . DG  A 1 8  ? -7.431  -10.688 -12.091 1.00 0.00 ? 8  DG  A C6     1 
ATOM   231 O O6     . DG  A 1 8  ? -8.496  -10.683 -11.475 1.00 0.00 ? 8  DG  A O6     1 
ATOM   232 N N1     . DG  A 1 8  ? -7.434  -10.704 -13.492 1.00 0.00 ? 8  DG  A N1     1 
ATOM   233 C C2     . DG  A 1 8  ? -6.272  -10.697 -14.268 1.00 0.00 ? 8  DG  A C2     1 
ATOM   234 N N2     . DG  A 1 8  ? -6.384  -10.617 -15.595 1.00 0.00 ? 8  DG  A N2     1 
ATOM   235 N N3     . DG  A 1 8  ? -5.032  -10.704 -13.745 1.00 0.00 ? 8  DG  A N3     1 
ATOM   236 C C4     . DG  A 1 8  ? -5.016  -10.673 -12.388 1.00 0.00 ? 8  DG  A C4     1 
ATOM   237 H "H5'"  . DG  A 1 8  ? 0.216   -11.281 -9.048  1.00 0.00 ? 8  DG  A "H5'"  1 
ATOM   238 H "H5''" . DG  A 1 8  ? 0.340   -9.527  -9.055  1.00 0.00 ? 8  DG  A "H5''" 1 
ATOM   239 H "H4'"  . DG  A 1 8  ? 0.285   -10.883 -11.306 1.00 0.00 ? 8  DG  A "H4'"  1 
ATOM   240 H "H3'"  . DG  A 1 8  ? -1.087  -8.290  -10.740 1.00 0.00 ? 8  DG  A "H3'"  1 
ATOM   241 H "H2'"  . DG  A 1 8  ? -2.776  -8.487  -12.218 1.00 0.00 ? 8  DG  A "H2'"  1 
ATOM   242 H "H2''" . DG  A 1 8  ? -1.745  -9.204  -13.463 1.00 0.00 ? 8  DG  A "H2''" 1 
ATOM   243 H "H1'"  . DG  A 1 8  ? -2.455  -11.290 -12.972 1.00 0.00 ? 8  DG  A "H1'"  1 
ATOM   244 H H8     . DG  A 1 8  ? -3.750  -10.129 -9.512  1.00 0.00 ? 8  DG  A H8     1 
ATOM   245 H H1     . DG  A 1 8  ? -8.334  -10.703 -13.946 1.00 0.00 ? 8  DG  A H1     1 
ATOM   246 H H21    . DG  A 1 8  ? -7.287  -10.578 -16.041 1.00 0.00 ? 8  DG  A H21    1 
ATOM   247 H H22    . DG  A 1 8  ? -5.535  -10.551 -16.137 1.00 0.00 ? 8  DG  A H22    1 
ATOM   248 P P      . DA  A 1 9  ? 1.457   -7.698  -11.749 1.00 0.00 ? 9  DA  A P      1 
ATOM   249 O OP1    . DA  A 1 9  ? 2.536   -7.682  -12.764 1.00 0.00 ? 9  DA  A OP1    1 
ATOM   250 O OP2    . DA  A 1 9  ? 1.769   -8.016  -10.341 1.00 0.00 ? 9  DA  A OP2    1 
ATOM   251 O "O5'"  . DA  A 1 9  ? 0.652   -6.303  -11.792 1.00 0.00 ? 9  DA  A "O5'"  1 
ATOM   252 C "C5'"  . DA  A 1 9  ? 1.059   -5.214  -12.600 1.00 0.00 ? 9  DA  A "C5'"  1 
ATOM   253 C "C4'"  . DA  A 1 9  ? -0.101  -4.252  -12.903 1.00 0.00 ? 9  DA  A "C4'"  1 
ATOM   254 O "O4'"  . DA  A 1 9  ? -1.325  -4.781  -12.487 1.00 0.00 ? 9  DA  A "O4'"  1 
ATOM   255 C "C3'"  . DA  A 1 9  ? -0.007  -2.887  -12.215 1.00 0.00 ? 9  DA  A "C3'"  1 
ATOM   256 O "O3'"  . DA  A 1 9  ? -0.725  -2.024  -13.100 1.00 0.00 ? 9  DA  A "O3'"  1 
ATOM   257 C "C2'"  . DA  A 1 9  ? -0.714  -3.071  -10.849 1.00 0.00 ? 9  DA  A "C2'"  1 
ATOM   258 C "C1'"  . DA  A 1 9  ? -1.643  -4.256  -11.217 1.00 0.00 ? 9  DA  A "C1'"  1 
ATOM   259 N N9     . DA  A 1 9  ? -2.653  -5.151  -10.573 1.00 0.00 ? 9  DA  A N9     1 
ATOM   260 C C8     . DA  A 1 9  ? -2.647  -6.116  -9.583  1.00 0.00 ? 9  DA  A C8     1 
ATOM   261 N N7     . DA  A 1 9  ? -3.711  -6.891  -9.595  1.00 0.00 ? 9  DA  A N7     1 
ATOM   262 C C5     . DA  A 1 9  ? -4.449  -6.463  -10.698 1.00 0.00 ? 9  DA  A C5     1 
ATOM   263 C C6     . DA  A 1 9  ? -5.669  -6.840  -11.329 1.00 0.00 ? 9  DA  A C6     1 
ATOM   264 N N6     . DA  A 1 9  ? -6.506  -7.739  -10.812 1.00 0.00 ? 9  DA  A N6     1 
ATOM   265 N N1     . DA  A 1 9  ? -6.037  -6.248  -12.496 1.00 0.00 ? 9  DA  A N1     1 
ATOM   266 C C2     . DA  A 1 9  ? -5.253  -5.294  -13.008 1.00 0.00 ? 9  DA  A C2     1 
ATOM   267 N N3     . DA  A 1 9  ? -4.134  -4.816  -12.481 1.00 0.00 ? 9  DA  A N3     1 
ATOM   268 C C4     . DA  A 1 9  ? -3.783  -5.437  -11.309 1.00 0.00 ? 9  DA  A C4     1 
ATOM   269 H "H5'"  . DA  A 1 9  ? 1.423   -5.570  -13.566 1.00 0.00 ? 9  DA  A "H5'"  1 
ATOM   270 H "H5''" . DA  A 1 9  ? 1.869   -4.698  -12.088 1.00 0.00 ? 9  DA  A "H5''" 1 
ATOM   271 H "H4'"  . DA  A 1 9  ? -0.173  -4.154  -13.989 1.00 0.00 ? 9  DA  A "H4'"  1 
ATOM   272 H "H3'"  . DA  A 1 9  ? 1.035   -2.590  -12.101 1.00 0.00 ? 9  DA  A "H3'"  1 
ATOM   273 H "H2'"  . DA  A 1 9  ? -0.010  -3.259  -10.040 1.00 0.00 ? 9  DA  A "H2'"  1 
ATOM   274 H "H2''" . DA  A 1 9  ? -1.222  -2.118  -10.653 1.00 0.00 ? 9  DA  A "H2''" 1 
ATOM   275 H "H1'"  . DA  A 1 9  ? -2.416  -3.520  -11.385 1.00 0.00 ? 9  DA  A "H1'"  1 
ATOM   276 H H8     . DA  A 1 9  ? -1.861  -6.254  -8.853  1.00 0.00 ? 9  DA  A H8     1 
ATOM   277 H H61    . DA  A 1 9  ? -7.405  -7.896  -11.243 1.00 0.00 ? 9  DA  A H61    1 
ATOM   278 H H62    . DA  A 1 9  ? -6.207  -8.294  -10.024 1.00 0.00 ? 9  DA  A H62    1 
ATOM   279 H H2     . DA  A 1 9  ? -5.546  -4.843  -13.944 1.00 0.00 ? 9  DA  A H2     1 
ATOM   280 P P      . DA  A 1 10 ? -0.283  -0.509  -13.453 1.00 0.00 ? 10 DA  A P      1 
ATOM   281 O OP1    . DA  A 1 10 ? -0.445  -0.295  -14.908 1.00 0.00 ? 10 DA  A OP1    1 
ATOM   282 O OP2    . DA  A 1 10 ? 1.011   -0.209  -12.800 1.00 0.00 ? 10 DA  A OP2    1 
ATOM   283 O "O5'"  . DA  A 1 10 ? -1.426  0.311   -12.684 1.00 0.00 ? 10 DA  A "O5'"  1 
ATOM   284 C "C5'"  . DA  A 1 10 ? -2.761  0.416   -13.156 1.00 0.00 ? 10 DA  A "C5'"  1 
ATOM   285 C "C4'"  . DA  A 1 10 ? -3.661  0.644   -11.938 1.00 0.00 ? 10 DA  A "C4'"  1 
ATOM   286 O "O4'"  . DA  A 1 10 ? -3.713  -0.575  -11.214 1.00 0.00 ? 10 DA  A "O4'"  1 
ATOM   287 C "C3'"  . DA  A 1 10 ? -3.101  1.732   -10.993 1.00 0.00 ? 10 DA  A "C3'"  1 
ATOM   288 O "O3'"  . DA  A 1 10 ? -4.113  2.639   -10.601 1.00 0.00 ? 10 DA  A "O3'"  1 
ATOM   289 C "C2'"  . DA  A 1 10 ? -2.626  0.909   -9.800  1.00 0.00 ? 10 DA  A "C2'"  1 
ATOM   290 C "C1'"  . DA  A 1 10 ? -3.614  -0.245  -9.853  1.00 0.00 ? 10 DA  A "C1'"  1 
ATOM   291 N N9     . DA  A 1 10 ? -3.168  -1.378  -9.031  1.00 0.00 ? 10 DA  A N9     1 
ATOM   292 C C8     . DA  A 1 10 ? -2.027  -1.511  -8.271  1.00 0.00 ? 10 DA  A C8     1 
ATOM   293 N N7     . DA  A 1 10 ? -2.077  -2.468  -7.397  1.00 0.00 ? 10 DA  A N7     1 
ATOM   294 C C5     . DA  A 1 10 ? -3.314  -3.041  -7.636  1.00 0.00 ? 10 DA  A C5     1 
ATOM   295 C C6     . DA  A 1 10 ? -4.002  -4.092  -7.008  1.00 0.00 ? 10 DA  A C6     1 
ATOM   296 N N6     . DA  A 1 10 ? -3.546  -4.611  -5.863  1.00 0.00 ? 10 DA  A N6     1 
ATOM   297 N N1     . DA  A 1 10 ? -5.171  -4.510  -7.553  1.00 0.00 ? 10 DA  A N1     1 
ATOM   298 C C2     . DA  A 1 10 ? -5.680  -3.863  -8.610  1.00 0.00 ? 10 DA  A C2     1 
ATOM   299 N N3     . DA  A 1 10 ? -5.161  -2.802  -9.236  1.00 0.00 ? 10 DA  A N3     1 
ATOM   300 C C4     . DA  A 1 10 ? -3.952  -2.446  -8.697  1.00 0.00 ? 10 DA  A C4     1 
ATOM   301 H "H5'"  . DA  A 1 10 ? -3.091  -0.490  -13.672 1.00 0.00 ? 10 DA  A "H5'"  1 
ATOM   302 H "H5''" . DA  A 1 10 ? -2.845  1.262   -13.839 1.00 0.00 ? 10 DA  A "H5''" 1 
ATOM   303 H "H4'"  . DA  A 1 10 ? -4.672  0.890   -12.267 1.00 0.00 ? 10 DA  A "H4'"  1 
ATOM   304 H "H3'"  . DA  A 1 10 ? -2.270  2.282   -11.440 1.00 0.00 ? 10 DA  A "H3'"  1 
ATOM   305 H "H2'"  . DA  A 1 10 ? -1.608  0.565   -9.994  1.00 0.00 ? 10 DA  A "H2'"  1 
ATOM   306 H "H2''" . DA  A 1 10 ? -2.673  1.406   -8.831  1.00 0.00 ? 10 DA  A "H2''" 1 
ATOM   307 H "H1'"  . DA  A 1 10 ? -4.594  0.090   -9.502  1.00 0.00 ? 10 DA  A "H1'"  1 
ATOM   308 H H8     . DA  A 1 10 ? -1.163  -0.872  -8.354  1.00 0.00 ? 10 DA  A H8     1 
ATOM   309 H H61    . DA  A 1 10 ? -4.034  -5.361  -5.409  1.00 0.00 ? 10 DA  A H61    1 
ATOM   310 H H62    . DA  A 1 10 ? -2.786  -4.146  -5.387  1.00 0.00 ? 10 DA  A H62    1 
ATOM   311 H H2     . DA  A 1 10 ? -6.631  -4.219  -8.981  1.00 0.00 ? 10 DA  A H2     1 
HETATM 312 P P      . MG1 A 1 11 ? -3.773  4.037   -9.856  1.00 0.00 ? 11 MG1 A P      1 
HETATM 313 O OP1    . MG1 A 1 11 ? -3.768  5.103   -10.881 1.00 0.00 ? 11 MG1 A OP1    1 
HETATM 314 O OP2    . MG1 A 1 11 ? -2.596  3.861   -8.974  1.00 0.00 ? 11 MG1 A OP2    1 
HETATM 315 O "O5'"  . MG1 A 1 11 ? -5.071  4.233   -8.926  1.00 0.00 ? 11 MG1 A "O5'"  1 
HETATM 316 C "C5'"  . MG1 A 1 11 ? -5.496  3.245   -8.003  1.00 0.00 ? 11 MG1 A "C5'"  1 
HETATM 317 C "C4'"  . MG1 A 1 11 ? -6.868  3.677   -7.457  1.00 0.00 ? 11 MG1 A "C4'"  1 
HETATM 318 O "O4'"  . MG1 A 1 11 ? -7.662  2.527   -7.262  1.00 0.00 ? 11 MG1 A "O4'"  1 
HETATM 319 C "C3'"  . MG1 A 1 11 ? -6.763  4.425   -6.118  1.00 0.00 ? 11 MG1 A "C3'"  1 
HETATM 320 O "O3'"  . MG1 A 1 11 ? -7.728  5.466   -6.052  1.00 0.00 ? 11 MG1 A "O3'"  1 
HETATM 321 C "C2'"  . MG1 A 1 11 ? -7.059  3.329   -5.101  1.00 0.00 ? 11 MG1 A "C2'"  1 
HETATM 322 C "C1'"  . MG1 A 1 11 ? -7.965  2.392   -5.895  1.00 0.00 ? 11 MG1 A "C1'"  1 
HETATM 323 N N9     . MG1 A 1 11 ? -7.750  0.977   -5.533  1.00 0.00 ? 11 MG1 A N9     1 
HETATM 324 C C8     . MG1 A 1 11 ? -6.570  0.285   -5.406  1.00 0.00 ? 11 MG1 A C8     1 
HETATM 325 N N7     . MG1 A 1 11 ? -6.724  -0.980  -5.143  1.00 0.00 ? 11 MG1 A N7     1 
HETATM 326 C C5     . MG1 A 1 11 ? -8.101  -1.146  -5.091  1.00 0.00 ? 11 MG1 A C5     1 
HETATM 327 C C6     . MG1 A 1 11 ? -8.895  -2.288  -4.789  1.00 0.00 ? 11 MG1 A C6     1 
HETATM 328 O O6     . MG1 A 1 11 ? -8.498  -3.414  -4.482  1.00 0.00 ? 11 MG1 A O6     1 
HETATM 329 N N1     . MG1 A 1 11 ? -10.271 -2.040  -4.812  1.00 0.00 ? 11 MG1 A N1     1 
HETATM 330 C CM1    . MG1 A 1 11 ? -11.098 -3.059  -4.179  1.00 0.00 ? 11 MG1 A CM1    1 
HETATM 331 C C2     . MG1 A 1 11 ? -10.837 -0.847  -5.289  1.00 0.00 ? 11 MG1 A C2     1 
HETATM 332 N N2     . MG1 A 1 11 ? -12.125 -0.836  -5.650  1.00 0.00 ? 11 MG1 A N2     1 
HETATM 333 N N3     . MG1 A 1 11 ? -10.082 0.242   -5.535  1.00 0.00 ? 11 MG1 A N3     1 
HETATM 334 C C4     . MG1 A 1 11 ? -8.742  0.049   -5.385  1.00 0.00 ? 11 MG1 A C4     1 
HETATM 335 H "H5'"  . MG1 A 1 11 ? -4.770  3.117   -7.197  1.00 0.00 ? 11 MG1 A "H5'"  1 
HETATM 336 H "H5''" . MG1 A 1 11 ? -5.598  2.287   -8.518  1.00 0.00 ? 11 MG1 A "H5''" 1 
HETATM 337 H "H4'"  . MG1 A 1 11 ? -7.382  4.284   -8.206  1.00 0.00 ? 11 MG1 A "H4'"  1 
HETATM 338 H "H3'"  . MG1 A 1 11 ? -5.754  4.821   -5.982  1.00 0.00 ? 11 MG1 A "H3'"  1 
HETATM 339 H "H2'"  . MG1 A 1 11 ? -6.120  2.854   -4.816  1.00 0.00 ? 11 MG1 A "H2'"  1 
HETATM 340 H "H2''" . MG1 A 1 11 ? -7.567  3.672   -4.202  1.00 0.00 ? 11 MG1 A "H2''" 1 
HETATM 341 H "H1'"  . MG1 A 1 11 ? -9.006  2.693   -5.758  1.00 0.00 ? 11 MG1 A "H1'"  1 
HETATM 342 H H8     . MG1 A 1 11 ? -5.597  0.741   -5.515  1.00 0.00 ? 11 MG1 A H8     1 
HETATM 343 H HM11   . MG1 A 1 11 ? -10.815 -3.085  -3.127  1.00 0.00 ? 11 MG1 A HM11   1 
HETATM 344 H HM12   . MG1 A 1 11 ? -10.901 -4.022  -4.650  1.00 0.00 ? 11 MG1 A HM12   1 
HETATM 345 H HM13   . MG1 A 1 11 ? -12.164 -2.859  -4.229  1.00 0.00 ? 11 MG1 A HM13   1 
HETATM 346 H H21    . MG1 A 1 11 ? -12.512 -0.011  -6.088  1.00 0.00 ? 11 MG1 A H21    1 
HETATM 347 H H22    . MG1 A 1 11 ? -12.673 -1.683  -5.615  1.00 0.00 ? 11 MG1 A H22    1 
ATOM   348 P P      . DA  A 1 12 ? -7.599  6.697   -5.004  1.00 0.00 ? 12 DA  A P      1 
ATOM   349 O OP1    . DA  A 1 12 ? -8.675  7.664   -5.315  1.00 0.00 ? 12 DA  A OP1    1 
ATOM   350 O OP2    . DA  A 1 12 ? -6.191  7.153   -4.999  1.00 0.00 ? 12 DA  A OP2    1 
ATOM   351 O "O5'"  . DA  A 1 12 ? -7.900  6.038   -3.558  1.00 0.00 ? 12 DA  A "O5'"  1 
ATOM   352 C "C5'"  . DA  A 1 12 ? -9.133  6.200   -2.876  1.00 0.00 ? 12 DA  A "C5'"  1 
ATOM   353 C "C4'"  . DA  A 1 12 ? -9.091  5.466   -1.527  1.00 0.00 ? 12 DA  A "C4'"  1 
ATOM   354 O "O4'"  . DA  A 1 12 ? -8.925  4.069   -1.759  1.00 0.00 ? 12 DA  A "O4'"  1 
ATOM   355 C "C3'"  . DA  A 1 12 ? -7.918  5.943   -0.647  1.00 0.00 ? 12 DA  A "C3'"  1 
ATOM   356 O "O3'"  . DA  A 1 12 ? -8.301  6.058   0.718   1.00 0.00 ? 12 DA  A "O3'"  1 
ATOM   357 C "C2'"  . DA  A 1 12 ? -6.931  4.793   -0.791  1.00 0.00 ? 12 DA  A "C2'"  1 
ATOM   358 C "C1'"  . DA  A 1 12 ? -7.866  3.593   -0.948  1.00 0.00 ? 12 DA  A "C1'"  1 
ATOM   359 N N9     . DA  A 1 12 ? -7.188  2.401   -1.528  1.00 0.00 ? 12 DA  A N9     1 
ATOM   360 C C8     . DA  A 1 12 ? -5.876  2.262   -1.925  1.00 0.00 ? 12 DA  A C8     1 
ATOM   361 N N7     . DA  A 1 12 ? -5.516  1.039   -2.188  1.00 0.00 ? 12 DA  A N7     1 
ATOM   362 C C5     . DA  A 1 12 ? -6.671  0.302   -1.973  1.00 0.00 ? 12 DA  A C5     1 
ATOM   363 C C6     . DA  A 1 12 ? -6.962  -1.086  -2.041  1.00 0.00 ? 12 DA  A C6     1 
ATOM   364 N N6     . DA  A 1 12 ? -6.032  -2.002  -2.346  1.00 0.00 ? 12 DA  A N6     1 
ATOM   365 N N1     . DA  A 1 12 ? -8.235  -1.498  -1.814  1.00 0.00 ? 12 DA  A N1     1 
ATOM   366 C C2     . DA  A 1 12 ? -9.168  -0.584  -1.519  1.00 0.00 ? 12 DA  A C2     1 
ATOM   367 N N3     . DA  A 1 12 ? -9.011  0.741   -1.391  1.00 0.00 ? 12 DA  A N3     1 
ATOM   368 C C4     . DA  A 1 12 ? -7.719  1.133   -1.630  1.00 0.00 ? 12 DA  A C4     1 
ATOM   369 H "H5'"  . DA  A 1 12 ? -9.960  5.815   -3.476  1.00 0.00 ? 12 DA  A "H5'"  1 
ATOM   370 H "H5''" . DA  A 1 12 ? -9.298  7.261   -2.684  1.00 0.00 ? 12 DA  A "H5''" 1 
ATOM   371 H "H4'"  . DA  A 1 12 ? -10.041 5.635   -1.017  1.00 0.00 ? 12 DA  A "H4'"  1 
ATOM   372 H "H3'"  . DA  A 1 12 ? -7.445  6.856   -1.016  1.00 0.00 ? 12 DA  A "H3'"  1 
ATOM   373 H "H2'"  . DA  A 1 12 ? -6.352  4.956   -1.699  1.00 0.00 ? 12 DA  A "H2'"  1 
ATOM   374 H "H2''" . DA  A 1 12 ? -6.260  4.692   0.064   1.00 0.00 ? 12 DA  A "H2''" 1 
ATOM   375 H "H1'"  . DA  A 1 12 ? -8.270  3.332   0.033   1.00 0.00 ? 12 DA  A "H1'"  1 
ATOM   376 H H8     . DA  A 1 12 ? -5.176  3.081   -1.990  1.00 0.00 ? 12 DA  A H8     1 
ATOM   377 H H61    . DA  A 1 12 ? -6.287  -2.974  -2.443  1.00 0.00 ? 12 DA  A H61    1 
ATOM   378 H H62    . DA  A 1 12 ? -5.084  -1.707  -2.536  1.00 0.00 ? 12 DA  A H62    1 
ATOM   379 H H2     . DA  A 1 12 ? -10.165 -0.964  -1.357  1.00 0.00 ? 12 DA  A H2     1 
HETATM 380 N N1     . UMP A 1 13 ? -3.685  5.073   2.671   1.00 0.00 ? 13 UMP A N1     1 
HETATM 381 C C2     . UMP A 1 13 ? -3.406  3.715   2.910   1.00 0.00 ? 13 UMP A C2     1 
HETATM 382 N N3     . UMP A 1 13 ? -2.818  3.003   1.869   1.00 0.00 ? 13 UMP A N3     1 
HETATM 383 C C4     . UMP A 1 13 ? -2.500  3.510   0.611   1.00 0.00 ? 13 UMP A C4     1 
HETATM 384 C C5     . UMP A 1 13 ? -2.861  4.907   0.423   1.00 0.00 ? 13 UMP A C5     1 
HETATM 385 C C6     . UMP A 1 13 ? -3.441  5.626   1.423   1.00 0.00 ? 13 UMP A C6     1 
HETATM 386 O O2     . UMP A 1 13 ? -3.672  3.148   3.969   1.00 0.00 ? 13 UMP A O2     1 
HETATM 387 O O4     . UMP A 1 13 ? -1.970  2.790   -0.231  1.00 0.00 ? 13 UMP A O4     1 
HETATM 388 C "C1'"  . UMP A 1 13 ? -4.423  5.798   3.754   1.00 0.00 ? 13 UMP A "C1'"  1 
HETATM 389 C "C2'"  . UMP A 1 13 ? -4.373  7.329   3.860   1.00 0.00 ? 13 UMP A "C2'"  1 
HETATM 390 C "C3'"  . UMP A 1 13 ? -5.569  7.573   4.799   1.00 0.00 ? 13 UMP A "C3'"  1 
HETATM 391 C "C4'"  . UMP A 1 13 ? -6.505  6.392   4.460   1.00 0.00 ? 13 UMP A "C4'"  1 
HETATM 392 O "O3'"  . UMP A 1 13 ? -5.186  7.441   6.167   1.00 0.00 ? 13 UMP A "O3'"  1 
HETATM 393 O "O4'"  . UMP A 1 13 ? -5.795  5.529   3.597   1.00 0.00 ? 13 UMP A "O4'"  1 
HETATM 394 C "C5'"  . UMP A 1 13 ? -7.845  6.755   3.810   1.00 0.00 ? 13 UMP A "C5'"  1 
HETATM 395 O "O5'"  . UMP A 1 13 ? -7.659  7.515   2.625   1.00 0.00 ? 13 UMP A "O5'"  1 
HETATM 396 P P      . UMP A 1 13 ? -8.725  7.466   1.407   1.00 0.00 ? 13 UMP A P      1 
HETATM 397 O OP1    . UMP A 1 13 ? -10.087 7.324   1.967   1.00 0.00 ? 13 UMP A OP1    1 
HETATM 398 O OP2    . UMP A 1 13 ? -8.420  8.582   0.484   1.00 0.00 ? 13 UMP A OP2    1 
HETATM 399 H HN3    . UMP A 1 13 ? -2.632  2.026   2.035   1.00 0.00 ? 13 UMP A HN3    1 
HETATM 400 H H5     . UMP A 1 13 ? -2.663  5.373   -0.533  1.00 0.00 ? 13 UMP A H5     1 
HETATM 401 H H6     . UMP A 1 13 ? -3.703  6.653   1.218   1.00 0.00 ? 13 UMP A H6     1 
HETATM 402 H "H1'"  . UMP A 1 13 ? -4.096  5.425   4.728   1.00 0.00 ? 13 UMP A "H1'"  1 
HETATM 403 H "H2'"  . UMP A 1 13 ? -4.565  7.814   2.902   1.00 0.00 ? 13 UMP A "H2'"  1 
HETATM 404 H "H2''" . UMP A 1 13 ? -3.436  7.696   4.279   1.00 0.00 ? 13 UMP A "H2''" 1 
HETATM 405 H "H3'"  . UMP A 1 13 ? -6.051  8.534   4.605   1.00 0.00 ? 13 UMP A "H3'"  1 
HETATM 406 H "H4'"  . UMP A 1 13 ? -6.728  5.817   5.361   1.00 0.00 ? 13 UMP A "H4'"  1 
HETATM 407 H "H5'"  . UMP A 1 13 ? -8.356  5.814   3.590   1.00 0.00 ? 13 UMP A "H5'"  1 
HETATM 408 H "H5''" . UMP A 1 13 ? -8.457  7.324   4.512   1.00 0.00 ? 13 UMP A "H5''" 1 
HETATM 409 N N1     . 5CM A 1 14 ? -0.543  5.240   5.915   1.00 0.00 ? 14 5CM A N1     1 
HETATM 410 C C2     . 5CM A 1 14 ? 0.039   3.996   5.604   1.00 0.00 ? 14 5CM A C2     1 
HETATM 411 N N3     . 5CM A 1 14 ? 0.353   3.733   4.296   1.00 0.00 ? 14 5CM A N3     1 
HETATM 412 C C4     . 5CM A 1 14 ? 0.102   4.621   3.313   1.00 0.00 ? 14 5CM A C4     1 
HETATM 413 C C5     . 5CM A 1 14 ? -0.543  5.885   3.606   1.00 0.00 ? 14 5CM A C5     1 
HETATM 414 C C5A    . 5CM A 1 14 ? -0.752  6.977   2.567   1.00 0.00 ? 14 5CM A C5A    1 
HETATM 415 C C6     . 5CM A 1 14 ? -0.851  6.132   4.906   1.00 0.00 ? 14 5CM A C6     1 
HETATM 416 O O2     . 5CM A 1 14 ? 0.277   3.162   6.476   1.00 0.00 ? 14 5CM A O2     1 
HETATM 417 N N4     . 5CM A 1 14 ? 0.451   4.284   2.066   1.00 0.00 ? 14 5CM A N4     1 
HETATM 418 C "C1'"  . 5CM A 1 14 ? -0.705  5.631   7.349   1.00 0.00 ? 14 5CM A "C1'"  1 
HETATM 419 C "C2'"  . 5CM A 1 14 ? -0.269  7.065   7.665   1.00 0.00 ? 14 5CM A "C2'"  1 
HETATM 420 C "C3'"  . 5CM A 1 14 ? -0.887  7.261   9.051   1.00 0.00 ? 14 5CM A "C3'"  1 
HETATM 421 C "C4'"  . 5CM A 1 14 ? -2.157  6.378   8.939   1.00 0.00 ? 14 5CM A "C4'"  1 
HETATM 422 O "O4'"  . 5CM A 1 14 ? -2.052  5.604   7.750   1.00 0.00 ? 14 5CM A "O4'"  1 
HETATM 423 O "O3'"  . 5CM A 1 14 ? -0.094  6.728   10.100  1.00 0.00 ? 14 5CM A "O3'"  1 
HETATM 424 C "C5'"  . 5CM A 1 14 ? -3.473  7.159   8.891   1.00 0.00 ? 14 5CM A "C5'"  1 
HETATM 425 O "O5'"  . 5CM A 1 14 ? -3.415  8.096   7.826   1.00 0.00 ? 14 5CM A "O5'"  1 
HETATM 426 P P      . 5CM A 1 14 ? -4.737  8.684   7.107   1.00 0.00 ? 14 5CM A P      1 
HETATM 427 O OP1    . 5CM A 1 14 ? -5.784  8.887   8.134   1.00 0.00 ? 14 5CM A OP1    1 
HETATM 428 O OP2    . 5CM A 1 14 ? -4.317  9.812   6.247   1.00 0.00 ? 14 5CM A OP2    1 
HETATM 429 H H5A1   . 5CM A 1 14 ? -0.461  6.668   1.565   1.00 0.00 ? 14 5CM A H5A1   1 
HETATM 430 H H5A2   . 5CM A 1 14 ? -1.796  7.278   2.553   1.00 0.00 ? 14 5CM A H5A2   1 
HETATM 431 H H5A3   . 5CM A 1 14 ? -0.160  7.847   2.847   1.00 0.00 ? 14 5CM A H5A3   1 
HETATM 432 H H6     . 5CM A 1 14 ? -1.347  7.059   5.139   1.00 0.00 ? 14 5CM A H6     1 
HETATM 433 H HN41   . 5CM A 1 14 ? 0.241   4.883   1.283   1.00 0.00 ? 14 5CM A HN41   1 
HETATM 434 H HN42   . 5CM A 1 14 ? 0.925   3.407   1.912   1.00 0.00 ? 14 5CM A HN42   1 
HETATM 435 H "H1'"  . 5CM A 1 14 ? -0.147  4.967   8.013   1.00 0.00 ? 14 5CM A "H1'"  1 
HETATM 436 H "H2'"  . 5CM A 1 14 ? -0.728  7.801   7.007   1.00 0.00 ? 14 5CM A "H2'"  1 
HETATM 437 H "H2''" . 5CM A 1 14 ? 0.810   7.180   7.609   1.00 0.00 ? 14 5CM A "H2''" 1 
HETATM 438 H "H3'"  . 5CM A 1 14 ? -1.119  8.309   9.249   1.00 0.00 ? 14 5CM A "H3'"  1 
HETATM 439 H "H4'"  . 5CM A 1 14 ? -2.212  5.675   9.775   1.00 0.00 ? 14 5CM A "H4'"  1 
HETATM 440 H "H5'"  . 5CM A 1 14 ? -4.286  6.443   8.749   1.00 0.00 ? 14 5CM A "H5'"  1 
HETATM 441 H "H5''" . 5CM A 1 14 ? -3.628  7.676   9.841   1.00 0.00 ? 14 5CM A "H5''" 1 
HETATM 442 N N1     . UMP A 1 15 ? 3.364   3.634   7.572   1.00 0.00 ? 15 UMP A N1     1 
HETATM 443 C C2     . UMP A 1 15 ? 4.262   3.010   6.693   1.00 0.00 ? 15 UMP A C2     1 
HETATM 444 N N3     . UMP A 1 15 ? 4.350   3.560   5.414   1.00 0.00 ? 15 UMP A N3     1 
HETATM 445 C C4     . UMP A 1 15 ? 3.636   4.662   4.951   1.00 0.00 ? 15 UMP A C4     1 
HETATM 446 C C5     . UMP A 1 15 ? 2.920   5.382   5.993   1.00 0.00 ? 15 UMP A C5     1 
HETATM 447 C C6     . UMP A 1 15 ? 2.803   4.857   7.243   1.00 0.00 ? 15 UMP A C6     1 
HETATM 448 O O2     . UMP A 1 15 ? 4.946   2.037   7.006   1.00 0.00 ? 15 UMP A O2     1 
HETATM 449 O O4     . UMP A 1 15 ? 3.641   4.952   3.758   1.00 0.00 ? 15 UMP A O4     1 
HETATM 450 C "C1'"  . UMP A 1 15 ? 3.088   2.964   8.881   1.00 0.00 ? 15 UMP A "C1'"  1 
HETATM 451 C "C2'"  . UMP A 1 15 ? 4.120   3.370   9.922   1.00 0.00 ? 15 UMP A "C2'"  1 
HETATM 452 C "C3'"  . UMP A 1 15 ? 3.435   2.975   11.220  1.00 0.00 ? 15 UMP A "C3'"  1 
HETATM 453 C "C4'"  . UMP A 1 15 ? 1.989   3.349   10.886  1.00 0.00 ? 15 UMP A "C4'"  1 
HETATM 454 O "O3'"  . UMP A 1 15 ? 3.581   1.572   11.446  1.00 0.00 ? 15 UMP A "O3'"  1 
HETATM 455 O "O4'"  . UMP A 1 15 ? 1.837   3.296   9.469   1.00 0.00 ? 15 UMP A "O4'"  1 
HETATM 456 C "C5'"  . UMP A 1 15 ? 1.612   4.748   11.416  1.00 0.00 ? 15 UMP A "C5'"  1 
HETATM 457 O "O5'"  . UMP A 1 15 ? 2.112   5.804   10.599  1.00 0.00 ? 15 UMP A "O5'"  1 
HETATM 458 P P      . UMP A 1 15 ? 1.378   7.248   10.550  1.00 0.00 ? 15 UMP A P      1 
HETATM 459 O OP1    . UMP A 1 15 ? 1.287   7.783   11.927  1.00 0.00 ? 15 UMP A OP1    1 
HETATM 460 O OP2    . UMP A 1 15 ? 1.999   8.063   9.482   1.00 0.00 ? 15 UMP A OP2    1 
HETATM 461 H HN3    . UMP A 1 15 ? 4.976   3.109   4.765   1.00 0.00 ? 15 UMP A HN3    1 
HETATM 462 H H5     . UMP A 1 15 ? 2.459   6.330   5.760   1.00 0.00 ? 15 UMP A H5     1 
HETATM 463 H H6     . UMP A 1 15 ? 2.244   5.401   7.985   1.00 0.00 ? 15 UMP A H6     1 
HETATM 464 H "H1'"  . UMP A 1 15 ? 3.103   1.878   8.766   1.00 0.00 ? 15 UMP A "H1'"  1 
HETATM 465 H "H2'"  . UMP A 1 15 ? 4.193   4.449   9.899   1.00 0.00 ? 15 UMP A "H2'"  1 
HETATM 466 H "H2''" . UMP A 1 15 ? 5.096   2.905   9.775   1.00 0.00 ? 15 UMP A "H2''" 1 
HETATM 467 H "H3'"  . UMP A 1 15 ? 3.790   3.568   12.061  1.00 0.00 ? 15 UMP A "H3'"  1 
HETATM 468 H "H4'"  . UMP A 1 15 ? 1.319   2.628   11.357  1.00 0.00 ? 15 UMP A "H4'"  1 
HETATM 469 H "H5'"  . UMP A 1 15 ? 0.523   4.773   11.452  1.00 0.00 ? 15 UMP A "H5'"  1 
HETATM 470 H "H5''" . UMP A 1 15 ? 1.976   4.890   12.435  1.00 0.00 ? 15 UMP A "H5''" 1 
ATOM   471 P P      . DG  A 1 16 ? 4.414   0.983   12.708  1.00 0.00 ? 16 DG  A P      1 
ATOM   472 O OP1    . DG  A 1 16 ? 4.736   -0.436  12.442  1.00 0.00 ? 16 DG  A OP1    1 
ATOM   473 O OP2    . DG  A 1 16 ? 3.713   1.370   13.953  1.00 0.00 ? 16 DG  A OP2    1 
ATOM   474 O "O5'"  . DG  A 1 16 ? 5.756   1.860   12.588  1.00 0.00 ? 16 DG  A "O5'"  1 
ATOM   475 C "C5'"  . DG  A 1 16 ? 7.070   1.403   12.850  1.00 0.00 ? 16 DG  A "C5'"  1 
ATOM   476 C "C4'"  . DG  A 1 16 ? 7.990   2.638   12.769  1.00 0.00 ? 16 DG  A "C4'"  1 
ATOM   477 O "O4'"  . DG  A 1 16 ? 7.944   3.128   11.424  1.00 0.00 ? 16 DG  A "O4'"  1 
ATOM   478 C "C3'"  . DG  A 1 16 ? 7.497   3.762   13.718  1.00 0.00 ? 16 DG  A "C3'"  1 
ATOM   479 O "O3'"  . DG  A 1 16 ? 8.583   4.423   14.389  1.00 0.00 ? 16 DG  A "O3'"  1 
ATOM   480 C "C2'"  . DG  A 1 16 ? 6.741   4.629   12.704  1.00 0.00 ? 16 DG  A "C2'"  1 
ATOM   481 C "C1'"  . DG  A 1 16 ? 7.618   4.504   11.454  1.00 0.00 ? 16 DG  A "C1'"  1 
ATOM   482 N N9     . DG  A 1 16 ? 6.936   5.033   10.233  1.00 0.00 ? 16 DG  A N9     1 
ATOM   483 C C8     . DG  A 1 16 ? 6.017   6.055   10.160  1.00 0.00 ? 16 DG  A C8     1 
ATOM   484 N N7     . DG  A 1 16 ? 5.681   6.409   8.953   1.00 0.00 ? 16 DG  A N7     1 
ATOM   485 C C5     . DG  A 1 16 ? 6.448   5.587   8.143   1.00 0.00 ? 16 DG  A C5     1 
ATOM   486 C C6     . DG  A 1 16 ? 6.582   5.575   6.713   1.00 0.00 ? 16 DG  A C6     1 
ATOM   487 O O6     . DG  A 1 16 ? 6.043   6.321   5.899   1.00 0.00 ? 16 DG  A O6     1 
ATOM   488 N N1     . DG  A 1 16 ? 7.460   4.584   6.258   1.00 0.00 ? 16 DG  A N1     1 
ATOM   489 C C2     . DG  A 1 16 ? 8.154   3.718   7.098   1.00 0.00 ? 16 DG  A C2     1 
ATOM   490 N N2     . DG  A 1 16 ? 8.974   2.834   6.518   1.00 0.00 ? 16 DG  A N2     1 
ATOM   491 N N3     . DG  A 1 16 ? 8.057   3.760   8.446   1.00 0.00 ? 16 DG  A N3     1 
ATOM   492 C C4     . DG  A 1 16 ? 7.197   4.716   8.913   1.00 0.00 ? 16 DG  A C4     1 
ATOM   493 H "H5'"  . DG  A 1 16 ? 7.364   0.668   12.097  1.00 0.00 ? 16 DG  A "H5'"  1 
ATOM   494 H "H5''" . DG  A 1 16 ? 7.143   0.955   13.842  1.00 0.00 ? 16 DG  A "H5''" 1 
ATOM   495 H "H4'"  . DG  A 1 16 ? 9.012   2.341   13.015  1.00 0.00 ? 16 DG  A "H4'"  1 
ATOM   496 H "H3'"  . DG  A 1 16 ? 6.814   3.357   14.466  1.00 0.00 ? 16 DG  A "H3'"  1 
ATOM   497 H "H2'"  . DG  A 1 16 ? 5.776   4.193   12.490  1.00 0.00 ? 16 DG  A "H2'"  1 
ATOM   498 H "H2''" . DG  A 1 16 ? 6.503   5.634   13.021  1.00 0.00 ? 16 DG  A "H2''" 1 
ATOM   499 H "H1'"  . DG  A 1 16 ? 8.560   5.035   11.592  1.00 0.00 ? 16 DG  A "H1'"  1 
ATOM   500 H H8     . DG  A 1 16 ? 5.580   6.519   11.032  1.00 0.00 ? 16 DG  A H8     1 
ATOM   501 H H1     . DG  A 1 16 ? 7.599   4.517   5.259   1.00 0.00 ? 16 DG  A H1     1 
ATOM   502 H H21    . DG  A 1 16 ? 9.093   2.844   5.518   1.00 0.00 ? 16 DG  A H21    1 
ATOM   503 H H22    . DG  A 1 16 ? 9.485   2.171   7.082   1.00 0.00 ? 16 DG  A H22    1 
ATOM   504 P P      . DG  A 1 17 ? 8.389   5.382   15.714  1.00 0.00 ? 17 DG  A P      1 
ATOM   505 O OP1    . DG  A 1 17 ? 9.433   5.020   16.698  1.00 0.00 ? 17 DG  A OP1    1 
ATOM   506 O OP2    . DG  A 1 17 ? 6.965   5.346   16.121  1.00 0.00 ? 17 DG  A OP2    1 
ATOM   507 O "O5'"  . DG  A 1 17 ? 8.720   6.884   15.185  1.00 0.00 ? 17 DG  A "O5'"  1 
ATOM   508 C "C5'"  . DG  A 1 17 ? 8.015   7.384   14.074  1.00 0.00 ? 17 DG  A "C5'"  1 
ATOM   509 C "C4'"  . DG  A 1 17 ? 8.512   8.644   13.368  1.00 0.00 ? 17 DG  A "C4'"  1 
ATOM   510 O "O4'"  . DG  A 1 17 ? 7.678   8.711   12.233  1.00 0.00 ? 17 DG  A "O4'"  1 
ATOM   511 C "C3'"  . DG  A 1 17 ? 9.953   8.596   12.814  1.00 0.00 ? 17 DG  A "C3'"  1 
ATOM   512 O "O3'"  . DG  A 1 17 ? 10.576  7.340   13.017  1.00 0.00 ? 17 DG  A "O3'"  1 
ATOM   513 C "C2'"  . DG  A 1 17 ? 9.770   8.826   11.309  1.00 0.00 ? 17 DG  A "C2'"  1 
ATOM   514 C "C1'"  . DG  A 1 17 ? 8.380   8.240   11.099  1.00 0.00 ? 17 DG  A "C1'"  1 
ATOM   515 N N9     . DG  A 1 17 ? 7.690   8.743   9.894   1.00 0.00 ? 17 DG  A N9     1 
ATOM   516 C C8     . DG  A 1 17 ? 6.588   9.564   9.853   1.00 0.00 ? 17 DG  A C8     1 
ATOM   517 N N7     . DG  A 1 17 ? 6.219   9.913   8.661   1.00 0.00 ? 17 DG  A N7     1 
ATOM   518 C C5     . DG  A 1 17 ? 7.136   9.272   7.846   1.00 0.00 ? 17 DG  A C5     1 
ATOM   519 C C6     . DG  A 1 17 ? 7.275   9.361   6.432   1.00 0.00 ? 17 DG  A C6     1 
ATOM   520 O O6     . DG  A 1 17 ? 6.610   10.068  5.685   1.00 0.00 ? 17 DG  A O6     1 
ATOM   521 N N1     . DG  A 1 17 ? 8.311   8.563   5.930   1.00 0.00 ? 17 DG  A N1     1 
ATOM   522 C C2     . DG  A 1 17 ? 9.158   7.798   6.728   1.00 0.00 ? 17 DG  A C2     1 
ATOM   523 N N2     . DG  A 1 17 ? 10.143  7.142   6.096   1.00 0.00 ? 17 DG  A N2     1 
ATOM   524 N N3     . DG  A 1 17 ? 9.053   7.754   8.079   1.00 0.00 ? 17 DG  A N3     1 
ATOM   525 C C4     . DG  A 1 17 ? 8.027   8.518   8.579   1.00 0.00 ? 17 DG  A C4     1 
ATOM   526 H "H5'"  . DG  A 1 17 ? 6.953   7.488   14.320  1.00 0.00 ? 17 DG  A "H5'"  1 
ATOM   527 H "H5''" . DG  A 1 17 ? 8.175   6.635   13.313  1.00 0.00 ? 17 DG  A "H5''" 1 
ATOM   528 H "H4'"  . DG  A 1 17 ? 8.331   9.538   13.966  1.00 0.00 ? 17 DG  A "H4'"  1 
ATOM   529 H "H3'"  . DG  A 1 17 ? 10.567  9.383   13.250  1.00 0.00 ? 17 DG  A "H3'"  1 
ATOM   530 H "HO3'" . DG  A 1 17 ? 11.309  7.455   13.625  1.00 0.00 ? 17 DG  A "HO3'" 1 
ATOM   531 H "H2'"  . DG  A 1 17 ? 9.750   9.895   11.092  1.00 0.00 ? 17 DG  A "H2'"  1 
ATOM   532 H "H2''" . DG  A 1 17 ? 10.531  8.332   10.701  1.00 0.00 ? 17 DG  A "H2''" 1 
ATOM   533 H "H1'"  . DG  A 1 17 ? 8.443   7.154   11.075  1.00 0.00 ? 17 DG  A "H1'"  1 
ATOM   534 H H8     . DG  A 1 17 ? 6.076   9.915   10.736  1.00 0.00 ? 17 DG  A H8     1 
ATOM   535 H H1     . DG  A 1 17 ? 8.463   8.582   4.933   1.00 0.00 ? 17 DG  A H1     1 
ATOM   536 H H21    . DG  A 1 17 ? 10.242  7.224   5.093   1.00 0.00 ? 17 DG  A H21    1 
ATOM   537 H H22    . DG  A 1 17 ? 10.814  6.601   6.623   1.00 0.00 ? 17 DG  A H22    1 
# 
